data_6BFW
#
_entry.id   6BFW
#
_cell.length_a   54.300
_cell.length_b   86.130
_cell.length_c   109.420
_cell.angle_alpha   90.00
_cell.angle_beta   100.95
_cell.angle_gamma   90.00
#
_symmetry.space_group_name_H-M   'P 1 21 1'
#
loop_
_entity.id
_entity.type
_entity.pdbx_description
1 polymer 'Beta-secretase 1'
2 non-polymer N-[(1S,2S)-1-[(3R,6R)-6-(cyclohexylmethoxy)morpholin-3-yl]-3-(3,5-difluorophenyl)-1-hydroxypropan-2-yl]acetamide
3 non-polymer GLYCEROL
4 water water
#
_entity_poly.entity_id   1
_entity_poly.type   'polypeptide(L)'
_entity_poly.pdbx_seq_one_letter_code
;MAGVLPAHGTQHGIRLPLRSGLGGAPLGLRLPRETDEEPEEPGRRGSFVEMVDNLRGKSGQGYYVEMTVGSPPQTLNILV
DTGSSNFAVGAAPHPFLHRYYQRQLSSTYRDLRKGVYVPYTQGKWEGELGTDLVSIPHGPNVTVRANIAAITESDKFFIN
GSNWEGILGLAYAEIARPDDSLEPFFDSLVKQTHVPNLFSLQLCGAGFPLNQSEVLASVGGSMIIGGIDHSLYTGSLWYT
PIRREWYYEVIIVRVEINGQDLKMDCKEYNYDKSIVDSGTTNLRLPKKVFEAAVKSIKAASSTEKFPDGFWLGEQLVCWQ
AGTTPWNIFPVISLYLMGEVTNQSFRITILPQQYLRPVEDVATSQDDCYKFAISQSSTGTVMGAVIMEGFYVVFDRARKR
IGFAVSACHVHDEFRTAAVEGPFVTLDMEDCGYNIPQTDEST
;
_entity_poly.pdbx_strand_id   A,B
#
loop_
_chem_comp.id
_chem_comp.type
_chem_comp.name
_chem_comp.formula
DK7 non-polymer N-[(1S,2S)-1-[(3R,6R)-6-(cyclohexylmethoxy)morpholin-3-yl]-3-(3,5-difluorophenyl)-1-hydroxypropan-2-yl]acetamide 'C22 H32 F2 N2 O4'
GOL non-polymer GLYCEROL 'C3 H8 O3'
#
# COMPACT_ATOMS: atom_id res chain seq x y z
N PRO A 42 7.76 2.24 -5.58
CA PRO A 42 6.68 1.28 -5.84
C PRO A 42 6.07 0.74 -4.55
N GLY A 43 4.80 1.06 -4.34
CA GLY A 43 4.05 0.66 -3.15
C GLY A 43 3.95 -0.84 -3.01
N ARG A 44 4.32 -1.37 -1.83
CA ARG A 44 4.25 -2.81 -1.59
C ARG A 44 2.84 -3.21 -1.16
N ARG A 45 2.25 -4.21 -1.86
CA ARG A 45 0.90 -4.69 -1.56
C ARG A 45 0.93 -5.95 -0.71
N GLY A 46 0.02 -6.05 0.24
CA GLY A 46 -0.16 -7.21 1.10
C GLY A 46 -1.27 -8.11 0.58
N SER A 47 -0.88 -9.26 0.01
CA SER A 47 -1.78 -10.22 -0.62
C SER A 47 -2.26 -11.39 0.25
N PHE A 48 -1.89 -11.45 1.55
CA PHE A 48 -2.33 -12.57 2.40
C PHE A 48 -3.06 -12.07 3.64
N VAL A 49 -4.10 -11.23 3.43
CA VAL A 49 -4.86 -10.57 4.49
C VAL A 49 -5.47 -11.55 5.51
N GLU A 50 -5.94 -12.73 5.03
CA GLU A 50 -6.54 -13.74 5.91
CA GLU A 50 -6.52 -13.79 5.85
C GLU A 50 -5.55 -14.30 6.94
N MET A 51 -4.24 -14.25 6.65
CA MET A 51 -3.24 -14.77 7.59
C MET A 51 -2.48 -13.68 8.34
N VAL A 52 -2.64 -12.41 7.93
CA VAL A 52 -1.98 -11.30 8.61
C VAL A 52 -2.56 -11.18 10.02
N ASP A 53 -1.68 -10.95 11.03
CA ASP A 53 -2.07 -10.77 12.43
C ASP A 53 -2.68 -12.04 13.06
N ASN A 54 -2.28 -13.23 12.60
CA ASN A 54 -2.81 -14.48 13.14
C ASN A 54 -2.00 -14.99 14.34
N LEU A 55 -0.93 -14.30 14.72
CA LEU A 55 -0.11 -14.75 15.87
C LEU A 55 -0.41 -13.91 17.10
N ARG A 56 -0.17 -14.48 18.27
CA ARG A 56 -0.28 -13.81 19.57
C ARG A 56 0.89 -14.35 20.41
N GLY A 57 1.24 -13.65 21.47
CA GLY A 57 2.30 -14.07 22.37
C GLY A 57 3.45 -13.08 22.44
N LYS A 58 4.62 -13.56 22.90
CA LYS A 58 5.80 -12.70 23.09
C LYS A 58 7.05 -13.56 23.12
N SER A 59 8.24 -12.94 22.98
CA SER A 59 9.51 -13.67 22.91
C SER A 59 9.77 -14.63 24.09
N GLY A 60 9.49 -14.16 25.32
CA GLY A 60 9.71 -14.91 26.55
C GLY A 60 8.88 -16.17 26.70
N GLN A 61 7.61 -16.15 26.24
CA GLN A 61 6.70 -17.32 26.38
C GLN A 61 6.30 -17.97 25.04
N GLY A 62 6.76 -17.38 23.93
CA GLY A 62 6.52 -17.89 22.58
C GLY A 62 5.33 -17.29 21.86
N TYR A 63 5.36 -17.41 20.53
CA TYR A 63 4.31 -16.90 19.66
C TYR A 63 3.47 -18.10 19.22
N TYR A 64 2.14 -17.97 19.31
CA TYR A 64 1.26 -19.08 18.95
C TYR A 64 0.19 -18.70 17.92
N VAL A 65 -0.29 -19.72 17.23
CA VAL A 65 -1.33 -19.62 16.23
C VAL A 65 -2.48 -20.53 16.64
N GLU A 66 -3.71 -20.15 16.27
CA GLU A 66 -4.88 -20.96 16.58
CA GLU A 66 -4.90 -20.95 16.58
C GLU A 66 -5.00 -22.09 15.55
N MET A 67 -5.28 -23.31 16.03
CA MET A 67 -5.47 -24.48 15.16
C MET A 67 -6.66 -25.25 15.66
N THR A 68 -7.20 -26.14 14.82
CA THR A 68 -8.24 -27.07 15.28
C THR A 68 -7.73 -28.48 14.94
N VAL A 69 -8.04 -29.43 15.79
CA VAL A 69 -7.72 -30.84 15.61
C VAL A 69 -8.99 -31.64 15.87
N GLY A 70 -9.16 -32.72 15.11
CA GLY A 70 -10.29 -33.62 15.31
C GLY A 70 -11.61 -33.23 14.67
N SER A 71 -12.59 -34.14 14.80
CA SER A 71 -13.94 -33.97 14.25
C SER A 71 -14.97 -34.34 15.33
N PRO A 72 -15.81 -33.40 15.85
CA PRO A 72 -15.87 -31.96 15.54
C PRO A 72 -14.57 -31.23 15.91
N PRO A 73 -14.30 -30.07 15.29
CA PRO A 73 -13.02 -29.38 15.59
C PRO A 73 -12.81 -28.97 17.05
N GLN A 74 -11.63 -29.30 17.59
CA GLN A 74 -11.22 -28.92 18.94
C GLN A 74 -10.19 -27.79 18.77
N THR A 75 -10.53 -26.58 19.23
CA THR A 75 -9.66 -25.39 19.09
C THR A 75 -8.56 -25.46 20.11
N LEU A 76 -7.31 -25.27 19.64
CA LEU A 76 -6.12 -25.24 20.51
C LEU A 76 -5.16 -24.16 20.02
N ASN A 77 -4.46 -23.55 20.97
CA ASN A 77 -3.46 -22.53 20.67
C ASN A 77 -2.12 -23.24 20.61
N ILE A 78 -1.44 -23.05 19.51
CA ILE A 78 -0.23 -23.82 19.24
C ILE A 78 1.00 -22.95 19.05
N LEU A 79 2.03 -23.16 19.90
CA LEU A 79 3.32 -22.46 19.77
C LEU A 79 4.00 -22.71 18.41
N VAL A 80 4.39 -21.64 17.72
CA VAL A 80 5.06 -21.73 16.41
C VAL A 80 6.55 -21.92 16.66
N ASP A 81 7.07 -23.14 16.33
CA ASP A 81 8.45 -23.50 16.61
C ASP A 81 9.25 -23.95 15.38
N THR A 82 10.09 -23.03 14.84
CA THR A 82 10.98 -23.40 13.73
C THR A 82 12.22 -24.21 14.21
N GLY A 83 12.36 -24.42 15.53
CA GLY A 83 13.50 -25.15 16.09
C GLY A 83 13.25 -26.60 16.49
N SER A 84 12.10 -27.18 16.10
CA SER A 84 11.79 -28.60 16.37
C SER A 84 10.90 -29.09 15.24
N SER A 85 10.54 -30.39 15.21
CA SER A 85 9.81 -30.93 14.08
C SER A 85 8.60 -31.81 14.43
N ASN A 86 8.18 -31.82 15.69
CA ASN A 86 7.01 -32.56 16.15
C ASN A 86 5.83 -31.64 16.40
N PHE A 87 4.65 -32.11 16.00
CA PHE A 87 3.40 -31.41 16.31
C PHE A 87 2.80 -32.22 17.47
N ALA A 88 2.68 -31.55 18.62
CA ALA A 88 2.18 -32.18 19.83
C ALA A 88 1.25 -31.25 20.55
N VAL A 89 0.29 -31.83 21.24
CA VAL A 89 -0.69 -31.06 21.99
C VAL A 89 -0.92 -31.72 23.35
N GLY A 90 -1.27 -30.91 24.35
CA GLY A 90 -1.68 -31.44 25.65
C GLY A 90 -2.90 -32.32 25.40
N ALA A 91 -2.91 -33.53 25.99
CA ALA A 91 -4.01 -34.47 25.78
C ALA A 91 -4.46 -35.11 27.10
N ALA A 92 -4.08 -34.47 28.21
CA ALA A 92 -4.37 -34.91 29.57
C ALA A 92 -4.26 -33.68 30.49
N PRO A 93 -5.04 -33.65 31.60
CA PRO A 93 -4.99 -32.50 32.51
C PRO A 93 -3.58 -32.10 32.98
N HIS A 94 -3.35 -30.80 33.04
CA HIS A 94 -2.12 -30.20 33.52
C HIS A 94 -2.48 -28.90 34.23
N PRO A 95 -1.83 -28.57 35.37
CA PRO A 95 -2.15 -27.31 36.05
C PRO A 95 -2.07 -26.05 35.17
N PHE A 96 -1.23 -26.07 34.12
CA PHE A 96 -1.12 -24.89 33.26
C PHE A 96 -1.97 -25.01 31.98
N LEU A 97 -2.82 -26.03 31.90
CA LEU A 97 -3.69 -26.19 30.73
C LEU A 97 -5.15 -25.96 31.10
N HIS A 98 -5.83 -25.13 30.32
CA HIS A 98 -7.25 -24.83 30.50
C HIS A 98 -8.07 -25.66 29.55
N ARG A 99 -7.38 -26.27 28.56
CA ARG A 99 -8.01 -27.16 27.58
C ARG A 99 -6.95 -28.03 26.95
N TYR A 100 -7.38 -29.19 26.43
CA TYR A 100 -6.48 -30.17 25.83
C TYR A 100 -7.23 -31.04 24.82
N TYR A 101 -6.49 -31.73 23.99
CA TYR A 101 -7.03 -32.62 22.97
C TYR A 101 -7.68 -33.86 23.60
N GLN A 102 -8.95 -34.12 23.24
CA GLN A 102 -9.69 -35.28 23.75
C GLN A 102 -9.92 -36.25 22.61
N ARG A 103 -8.98 -37.19 22.44
CA ARG A 103 -8.99 -38.15 21.32
C ARG A 103 -10.28 -38.95 21.21
N GLN A 104 -10.87 -39.35 22.36
CA GLN A 104 -12.12 -40.12 22.44
C GLN A 104 -13.32 -39.37 21.84
N LEU A 105 -13.21 -38.02 21.72
CA LEU A 105 -14.27 -37.18 21.14
C LEU A 105 -14.08 -36.86 19.66
N SER A 106 -12.99 -37.38 19.06
CA SER A 106 -12.75 -37.11 17.64
C SER A 106 -13.07 -38.37 16.84
N SER A 107 -14.03 -38.26 15.91
CA SER A 107 -14.42 -39.39 15.07
C SER A 107 -13.35 -39.75 14.05
N THR A 108 -12.45 -38.79 13.75
CA THR A 108 -11.39 -38.98 12.74
C THR A 108 -10.03 -39.31 13.36
N TYR A 109 -9.97 -39.44 14.68
CA TYR A 109 -8.72 -39.82 15.35
C TYR A 109 -8.27 -41.24 14.91
N ARG A 110 -6.95 -41.43 14.71
CA ARG A 110 -6.35 -42.72 14.41
C ARG A 110 -5.20 -42.94 15.38
N ASP A 111 -5.19 -44.11 16.03
CA ASP A 111 -4.13 -44.47 16.98
C ASP A 111 -2.96 -45.10 16.24
N LEU A 112 -1.76 -44.52 16.40
CA LEU A 112 -0.55 -45.09 15.80
C LEU A 112 0.09 -46.16 16.71
N ARG A 113 -0.48 -46.36 17.92
CA ARG A 113 -0.04 -47.36 18.92
CA ARG A 113 -0.02 -47.40 18.88
C ARG A 113 1.49 -47.31 19.15
N LYS A 114 2.02 -46.10 19.34
CA LYS A 114 3.44 -45.91 19.54
C LYS A 114 3.66 -44.70 20.43
N GLY A 115 4.56 -44.83 21.40
CA GLY A 115 4.93 -43.75 22.28
C GLY A 115 5.93 -42.83 21.60
N VAL A 116 6.13 -41.63 22.15
CA VAL A 116 7.04 -40.62 21.58
C VAL A 116 7.53 -39.76 22.74
N TYR A 117 8.82 -39.45 22.75
CA TYR A 117 9.45 -38.63 23.77
C TYR A 117 10.27 -37.53 23.09
N VAL A 118 10.09 -36.26 23.50
CA VAL A 118 10.88 -35.18 22.92
C VAL A 118 11.57 -34.36 23.98
N PRO A 119 12.93 -34.34 24.00
CA PRO A 119 13.64 -33.50 24.97
C PRO A 119 14.05 -32.16 24.33
N TYR A 120 13.67 -31.03 24.94
CA TYR A 120 14.07 -29.71 24.39
C TYR A 120 15.25 -29.17 25.21
N THR A 121 15.49 -27.85 25.19
CA THR A 121 16.62 -27.27 25.94
C THR A 121 16.48 -27.52 27.46
N GLN A 122 15.32 -27.23 28.02
CA GLN A 122 14.98 -27.40 29.43
C GLN A 122 13.74 -28.31 29.55
N GLY A 123 12.71 -28.02 28.75
CA GLY A 123 11.46 -28.77 28.78
C GLY A 123 11.52 -30.12 28.09
N LYS A 124 10.55 -30.99 28.36
CA LYS A 124 10.44 -32.30 27.74
C LYS A 124 9.03 -32.80 27.87
N TRP A 125 8.62 -33.69 26.96
CA TRP A 125 7.31 -34.29 27.09
C TRP A 125 7.30 -35.73 26.60
N GLU A 126 6.32 -36.48 27.08
CA GLU A 126 6.09 -37.88 26.76
C GLU A 126 4.69 -37.93 26.15
N GLY A 127 4.56 -38.63 25.03
CA GLY A 127 3.26 -38.71 24.39
C GLY A 127 2.92 -40.00 23.67
N GLU A 128 1.73 -40.00 23.08
CA GLU A 128 1.20 -41.13 22.33
C GLU A 128 0.91 -40.64 20.94
N LEU A 129 1.45 -41.35 19.95
CA LEU A 129 1.28 -40.97 18.56
C LEU A 129 -0.05 -41.36 17.97
N GLY A 130 -0.51 -40.53 17.08
CA GLY A 130 -1.76 -40.72 16.36
C GLY A 130 -1.83 -39.75 15.22
N THR A 131 -2.93 -39.82 14.45
CA THR A 131 -3.19 -38.88 13.36
C THR A 131 -4.63 -38.38 13.49
N ASP A 132 -4.89 -37.20 12.93
CA ASP A 132 -6.22 -36.60 12.96
C ASP A 132 -6.26 -35.48 11.97
N LEU A 133 -7.46 -35.01 11.66
CA LEU A 133 -7.64 -33.90 10.76
C LEU A 133 -7.28 -32.61 11.50
N VAL A 134 -6.52 -31.74 10.82
CA VAL A 134 -6.01 -30.48 11.36
C VAL A 134 -6.32 -29.28 10.42
N SER A 135 -6.70 -28.11 10.98
CA SER A 135 -6.94 -26.89 10.20
CA SER A 135 -6.95 -26.88 10.21
C SER A 135 -6.35 -25.71 10.96
N ILE A 136 -6.11 -24.60 10.25
CA ILE A 136 -5.59 -23.37 10.80
C ILE A 136 -6.67 -22.32 10.44
N PRO A 137 -7.58 -21.98 11.37
CA PRO A 137 -8.69 -21.05 11.04
C PRO A 137 -8.26 -19.77 10.33
N HIS A 138 -7.16 -19.14 10.79
CA HIS A 138 -6.61 -17.96 10.12
C HIS A 138 -5.35 -18.38 9.35
N GLY A 139 -5.51 -19.38 8.50
CA GLY A 139 -4.43 -19.94 7.70
C GLY A 139 -4.96 -20.25 6.33
N PRO A 140 -4.37 -21.22 5.61
CA PRO A 140 -4.91 -21.58 4.29
C PRO A 140 -6.25 -22.28 4.49
N ASN A 141 -7.13 -22.19 3.52
CA ASN A 141 -8.46 -22.79 3.68
C ASN A 141 -8.42 -24.26 3.24
N VAL A 142 -7.66 -25.04 4.02
CA VAL A 142 -7.39 -26.46 3.78
C VAL A 142 -7.37 -27.23 5.10
N THR A 143 -7.71 -28.50 5.04
CA THR A 143 -7.72 -29.41 6.18
C THR A 143 -6.79 -30.54 5.77
N VAL A 144 -5.91 -30.95 6.67
CA VAL A 144 -4.95 -32.01 6.36
C VAL A 144 -4.96 -33.08 7.43
N ARG A 145 -4.51 -34.30 7.08
CA ARG A 145 -4.38 -35.35 8.09
C ARG A 145 -2.91 -35.35 8.45
N ALA A 146 -2.63 -35.09 9.71
CA ALA A 146 -1.26 -34.95 10.19
C ALA A 146 -1.00 -35.78 11.42
N ASN A 147 0.28 -36.11 11.65
CA ASN A 147 0.77 -36.78 12.85
C ASN A 147 0.62 -35.84 14.04
N ILE A 148 0.10 -36.37 15.16
CA ILE A 148 -0.11 -35.60 16.38
C ILE A 148 0.36 -36.45 17.52
N ALA A 149 1.23 -35.89 18.36
CA ALA A 149 1.71 -36.54 19.58
C ALA A 149 0.83 -36.01 20.72
N ALA A 150 0.02 -36.89 21.30
CA ALA A 150 -0.86 -36.57 22.40
C ALA A 150 -0.06 -36.60 23.70
N ILE A 151 0.30 -35.41 24.23
CA ILE A 151 1.15 -35.28 25.43
C ILE A 151 0.43 -35.82 26.65
N THR A 152 1.04 -36.82 27.28
CA THR A 152 0.45 -37.45 28.48
C THR A 152 1.24 -37.10 29.74
N GLU A 153 2.54 -36.82 29.60
CA GLU A 153 3.44 -36.45 30.71
C GLU A 153 4.39 -35.35 30.25
N SER A 154 4.78 -34.46 31.14
CA SER A 154 5.68 -33.39 30.73
C SER A 154 6.45 -32.82 31.90
N ASP A 155 7.56 -32.12 31.61
CA ASP A 155 8.38 -31.53 32.65
C ASP A 155 8.92 -30.23 32.11
N LYS A 156 8.50 -29.09 32.71
CA LYS A 156 8.94 -27.73 32.34
C LYS A 156 8.68 -27.43 30.84
N PHE A 157 7.61 -28.01 30.30
CA PHE A 157 7.23 -27.79 28.90
C PHE A 157 6.19 -26.68 28.83
N PHE A 158 5.01 -26.92 29.41
CA PHE A 158 3.94 -25.94 29.45
C PHE A 158 4.33 -24.73 30.30
N ILE A 159 3.92 -23.55 29.87
CA ILE A 159 4.25 -22.30 30.57
C ILE A 159 2.98 -21.74 31.15
N ASN A 160 2.99 -21.51 32.47
CA ASN A 160 1.87 -20.92 33.19
C ASN A 160 1.49 -19.54 32.59
N GLY A 161 0.25 -19.43 32.10
CA GLY A 161 -0.29 -18.21 31.53
C GLY A 161 0.16 -17.85 30.12
N SER A 162 0.79 -18.79 29.38
CA SER A 162 1.25 -18.55 28.00
C SER A 162 0.06 -18.52 27.00
N ASN A 163 -1.04 -19.17 27.38
CA ASN A 163 -2.25 -19.35 26.57
C ASN A 163 -2.05 -20.38 25.41
N TRP A 164 -0.88 -21.07 25.31
CA TRP A 164 -0.79 -22.12 24.31
C TRP A 164 -0.86 -23.48 24.98
N GLU A 165 -1.31 -24.47 24.23
CA GLU A 165 -1.57 -25.84 24.70
C GLU A 165 -0.86 -26.91 23.87
N GLY A 166 -0.08 -26.47 22.89
CA GLY A 166 0.64 -27.39 22.02
C GLY A 166 1.76 -26.71 21.29
N ILE A 167 2.51 -27.48 20.51
CA ILE A 167 3.68 -26.99 19.78
C ILE A 167 3.62 -27.47 18.34
N LEU A 168 3.97 -26.59 17.42
CA LEU A 168 4.05 -26.87 16.00
C LEU A 168 5.50 -26.79 15.54
N GLY A 169 6.12 -27.95 15.40
CA GLY A 169 7.50 -28.06 14.98
C GLY A 169 7.55 -27.94 13.49
N LEU A 170 8.06 -26.79 12.97
CA LEU A 170 8.11 -26.48 11.54
C LEU A 170 9.38 -26.90 10.85
N ALA A 171 10.36 -27.42 11.60
CA ALA A 171 11.63 -27.85 10.99
C ALA A 171 11.45 -29.23 10.32
N TYR A 172 12.55 -29.81 9.81
CA TYR A 172 12.54 -31.01 8.99
C TYR A 172 12.56 -32.36 9.72
N ALA A 173 12.13 -33.43 9.00
CA ALA A 173 11.99 -34.80 9.49
C ALA A 173 13.22 -35.32 10.19
N GLU A 174 14.44 -34.90 9.77
CA GLU A 174 15.70 -35.37 10.37
C GLU A 174 15.74 -35.29 11.88
N ILE A 175 15.15 -34.23 12.48
CA ILE A 175 15.17 -34.06 13.94
C ILE A 175 13.82 -34.46 14.63
N ALA A 176 12.89 -35.03 13.88
CA ALA A 176 11.61 -35.47 14.48
C ALA A 176 11.85 -36.69 15.34
N ARG A 177 11.09 -36.80 16.45
CA ARG A 177 11.13 -37.99 17.30
C ARG A 177 9.84 -38.78 17.02
N PRO A 178 9.86 -40.14 17.06
CA PRO A 178 11.01 -41.02 17.40
C PRO A 178 12.15 -41.01 16.40
N ASP A 179 11.85 -40.75 15.12
CA ASP A 179 12.83 -40.71 14.03
C ASP A 179 12.24 -40.00 12.81
N ASP A 180 13.01 -39.91 11.72
CA ASP A 180 12.62 -39.20 10.49
C ASP A 180 11.47 -39.84 9.70
N SER A 181 10.93 -40.99 10.15
CA SER A 181 9.76 -41.54 9.47
C SER A 181 8.43 -40.86 9.91
N LEU A 182 8.46 -40.07 11.00
CA LEU A 182 7.28 -39.33 11.46
C LEU A 182 7.23 -38.02 10.71
N GLU A 183 6.46 -38.01 9.66
CA GLU A 183 6.30 -36.86 8.79
C GLU A 183 5.86 -35.60 9.56
N PRO A 184 6.68 -34.51 9.53
CA PRO A 184 6.28 -33.27 10.23
C PRO A 184 5.04 -32.63 9.60
N PHE A 185 4.33 -31.80 10.38
CA PHE A 185 3.11 -31.13 9.94
C PHE A 185 3.19 -30.44 8.56
N PHE A 186 4.21 -29.60 8.37
CA PHE A 186 4.35 -28.81 7.15
C PHE A 186 4.57 -29.68 5.93
N ASP A 187 5.29 -30.80 6.08
CA ASP A 187 5.51 -31.75 4.98
C ASP A 187 4.13 -32.35 4.56
N SER A 188 3.31 -32.73 5.54
CA SER A 188 1.96 -33.26 5.30
C SER A 188 1.09 -32.23 4.58
N LEU A 189 1.07 -30.99 5.11
CA LEU A 189 0.37 -29.86 4.53
C LEU A 189 0.72 -29.69 3.05
N VAL A 190 2.01 -29.65 2.70
CA VAL A 190 2.45 -29.45 1.30
C VAL A 190 2.09 -30.65 0.43
N LYS A 191 2.28 -31.87 0.96
CA LYS A 191 1.99 -33.10 0.21
C LYS A 191 0.51 -33.29 -0.12
N GLN A 192 -0.37 -32.88 0.81
CA GLN A 192 -1.81 -33.09 0.69
C GLN A 192 -2.60 -31.97 0.03
N THR A 193 -1.97 -30.79 -0.18
CA THR A 193 -2.66 -29.61 -0.74
C THR A 193 -1.84 -28.93 -1.83
N HIS A 194 -2.36 -27.82 -2.36
CA HIS A 194 -1.63 -27.03 -3.36
C HIS A 194 -0.88 -25.87 -2.70
N VAL A 195 -0.80 -25.87 -1.34
CA VAL A 195 -0.08 -24.82 -0.60
C VAL A 195 1.42 -24.81 -0.99
N PRO A 196 1.96 -23.68 -1.49
CA PRO A 196 3.41 -23.64 -1.83
C PRO A 196 4.32 -24.00 -0.65
N ASN A 197 5.48 -24.63 -0.93
CA ASN A 197 6.43 -25.11 0.07
C ASN A 197 7.26 -23.97 0.68
N LEU A 198 6.57 -23.09 1.43
CA LEU A 198 7.16 -21.89 2.02
CA LEU A 198 7.20 -21.98 2.13
C LEU A 198 6.25 -21.32 3.10
N PHE A 199 6.83 -20.70 4.15
CA PHE A 199 6.05 -19.97 5.12
C PHE A 199 6.95 -18.82 5.53
N SER A 200 6.34 -17.78 6.08
CA SER A 200 7.11 -16.62 6.53
C SER A 200 6.57 -16.18 7.86
N LEU A 201 7.45 -15.63 8.71
CA LEU A 201 7.11 -15.22 10.05
C LEU A 201 7.48 -13.81 10.36
N GLN A 202 6.50 -13.05 10.84
CA GLN A 202 6.70 -11.70 11.32
C GLN A 202 6.39 -11.76 12.83
N LEU A 203 7.43 -11.82 13.67
CA LEU A 203 7.21 -11.86 15.13
C LEU A 203 7.27 -10.44 15.63
N CYS A 204 6.20 -9.98 16.25
CA CYS A 204 6.10 -8.61 16.72
C CYS A 204 6.23 -8.44 18.22
N GLY A 205 7.43 -8.06 18.67
CA GLY A 205 7.68 -7.71 20.06
C GLY A 205 7.03 -6.35 20.35
N ALA A 206 6.42 -6.18 21.54
CA ALA A 206 5.74 -4.90 21.86
C ALA A 206 6.72 -3.78 22.25
N GLY A 207 7.86 -4.16 22.83
CA GLY A 207 8.84 -3.19 23.32
C GLY A 207 8.54 -2.79 24.75
N PHE A 208 7.46 -3.35 25.32
CA PHE A 208 7.06 -3.15 26.71
C PHE A 208 6.42 -4.42 27.21
N PRO A 209 6.31 -4.64 28.55
CA PRO A 209 5.71 -5.90 29.02
C PRO A 209 4.24 -6.04 28.68
N LEU A 210 3.77 -7.29 28.61
CA LEU A 210 2.37 -7.62 28.39
C LEU A 210 2.00 -8.66 29.45
N ASN A 211 0.89 -8.44 30.14
CA ASN A 211 0.39 -9.44 31.11
C ASN A 211 -0.44 -10.45 30.29
N GLN A 212 -0.96 -11.53 30.93
CA GLN A 212 -1.77 -12.55 30.24
C GLN A 212 -2.95 -11.97 29.42
N SER A 213 -3.72 -11.03 30.00
CA SER A 213 -4.88 -10.40 29.35
CA SER A 213 -4.88 -10.41 29.35
C SER A 213 -4.46 -9.48 28.20
N GLU A 214 -3.24 -8.92 28.28
CA GLU A 214 -2.71 -8.05 27.24
C GLU A 214 -2.27 -8.83 26.03
N VAL A 215 -1.66 -10.03 26.21
CA VAL A 215 -1.28 -10.84 25.03
C VAL A 215 -2.56 -11.39 24.36
N LEU A 216 -3.61 -11.73 25.15
CA LEU A 216 -4.89 -12.23 24.61
C LEU A 216 -5.54 -11.19 23.68
N ALA A 217 -5.49 -9.91 24.08
CA ALA A 217 -6.09 -8.79 23.37
C ALA A 217 -5.18 -8.19 22.29
N SER A 218 -3.87 -8.50 22.32
CA SER A 218 -2.89 -7.95 21.39
C SER A 218 -2.52 -8.87 20.22
N VAL A 219 -2.17 -8.24 19.09
CA VAL A 219 -1.69 -8.93 17.89
C VAL A 219 -0.19 -9.15 18.13
N GLY A 220 0.25 -10.38 17.97
CA GLY A 220 1.65 -10.76 18.16
C GLY A 220 2.46 -10.89 16.90
N GLY A 221 1.81 -10.82 15.74
CA GLY A 221 2.50 -10.96 14.47
C GLY A 221 1.77 -11.79 13.46
N SER A 222 2.51 -12.30 12.46
CA SER A 222 1.92 -13.09 11.37
C SER A 222 2.71 -14.30 10.97
N MET A 223 1.98 -15.36 10.66
CA MET A 223 2.53 -16.55 10.06
C MET A 223 1.79 -16.66 8.74
N ILE A 224 2.50 -16.38 7.65
CA ILE A 224 1.94 -16.46 6.30
C ILE A 224 2.34 -17.82 5.74
N ILE A 225 1.36 -18.71 5.59
CA ILE A 225 1.57 -20.07 5.10
C ILE A 225 1.37 -20.07 3.60
N GLY A 226 2.41 -20.46 2.86
CA GLY A 226 2.37 -20.53 1.41
C GLY A 226 2.76 -19.27 0.66
N GLY A 227 3.27 -18.26 1.35
CA GLY A 227 3.64 -17.04 0.64
C GLY A 227 4.36 -16.00 1.47
N ILE A 228 4.59 -14.85 0.83
CA ILE A 228 5.30 -13.69 1.35
C ILE A 228 4.31 -12.53 1.28
N ASP A 229 4.00 -11.91 2.42
CA ASP A 229 3.10 -10.77 2.40
C ASP A 229 3.99 -9.52 2.45
N HIS A 230 3.94 -8.72 1.38
CA HIS A 230 4.85 -7.59 1.19
C HIS A 230 4.52 -6.37 2.09
N SER A 231 3.40 -6.36 2.82
CA SER A 231 3.07 -5.29 3.75
C SER A 231 3.79 -5.49 5.11
N LEU A 232 4.45 -6.62 5.31
CA LEU A 232 5.05 -6.97 6.60
C LEU A 232 6.50 -6.54 6.74
N TYR A 233 7.07 -5.99 5.68
CA TYR A 233 8.46 -5.57 5.71
C TYR A 233 8.70 -4.31 4.90
N THR A 234 9.88 -3.71 5.09
CA THR A 234 10.34 -2.54 4.33
C THR A 234 11.67 -2.92 3.74
N GLY A 235 12.04 -2.25 2.65
CA GLY A 235 13.31 -2.51 1.97
C GLY A 235 13.32 -3.84 1.27
N SER A 236 14.51 -4.38 1.05
CA SER A 236 14.69 -5.62 0.30
C SER A 236 14.79 -6.87 1.16
N LEU A 237 14.37 -8.01 0.59
CA LEU A 237 14.57 -9.32 1.21
C LEU A 237 15.92 -9.84 0.74
N TRP A 238 16.81 -10.22 1.69
CA TRP A 238 18.11 -10.81 1.38
C TRP A 238 18.04 -12.28 1.82
N TYR A 239 18.54 -13.18 0.97
CA TYR A 239 18.46 -14.62 1.23
C TYR A 239 19.77 -15.29 1.57
N THR A 240 19.72 -16.12 2.61
CA THR A 240 20.87 -16.94 3.03
C THR A 240 20.51 -18.41 2.72
N PRO A 241 21.44 -19.25 2.22
CA PRO A 241 21.07 -20.64 1.95
C PRO A 241 20.82 -21.44 3.23
N ILE A 242 19.89 -22.41 3.16
CA ILE A 242 19.67 -23.37 4.23
C ILE A 242 20.80 -24.39 4.01
N ARG A 243 21.79 -24.43 4.93
CA ARG A 243 22.96 -25.32 4.79
C ARG A 243 22.59 -26.81 4.64
N ARG A 244 21.65 -27.26 5.47
CA ARG A 244 21.17 -28.63 5.55
C ARG A 244 19.77 -28.60 6.13
N GLU A 245 18.88 -29.44 5.60
CA GLU A 245 17.50 -29.52 6.04
C GLU A 245 17.29 -30.47 7.23
N TRP A 246 17.44 -29.95 8.46
CA TRP A 246 17.25 -30.66 9.73
C TRP A 246 16.65 -29.60 10.63
N TYR A 247 17.47 -28.71 11.19
CA TYR A 247 17.01 -27.45 11.76
C TYR A 247 17.01 -26.52 10.54
N TYR A 248 16.62 -25.24 10.71
CA TYR A 248 16.78 -24.26 9.63
C TYR A 248 18.18 -23.73 9.86
N GLU A 249 19.18 -24.46 9.34
CA GLU A 249 20.59 -24.17 9.56
C GLU A 249 21.15 -23.18 8.56
N VAL A 250 21.86 -22.17 9.11
CA VAL A 250 22.47 -21.10 8.34
C VAL A 250 23.93 -20.93 8.71
N ILE A 251 24.64 -20.08 7.96
CA ILE A 251 26.06 -19.84 8.20
C ILE A 251 26.29 -18.36 8.43
N ILE A 252 26.88 -18.04 9.59
CA ILE A 252 27.25 -16.67 9.99
C ILE A 252 28.73 -16.51 9.61
N VAL A 253 29.06 -15.44 8.87
CA VAL A 253 30.43 -15.26 8.37
C VAL A 253 31.20 -14.16 9.10
N ARG A 254 30.47 -13.25 9.76
CA ARG A 254 31.09 -12.12 10.46
C ARG A 254 30.11 -11.59 11.47
N VAL A 255 30.64 -11.12 12.60
CA VAL A 255 29.86 -10.53 13.68
C VAL A 255 30.48 -9.16 14.03
N GLU A 256 29.63 -8.11 14.17
CA GLU A 256 30.05 -6.77 14.55
C GLU A 256 29.24 -6.26 15.73
N ILE A 257 29.90 -5.50 16.61
CA ILE A 257 29.27 -4.80 17.72
C ILE A 257 29.56 -3.33 17.43
N ASN A 258 28.51 -2.54 17.07
CA ASN A 258 28.65 -1.13 16.68
C ASN A 258 29.74 -0.94 15.61
N GLY A 259 29.70 -1.78 14.57
CA GLY A 259 30.65 -1.71 13.47
C GLY A 259 32.00 -2.35 13.73
N GLN A 260 32.30 -2.68 14.99
CA GLN A 260 33.57 -3.29 15.35
C GLN A 260 33.54 -4.81 15.21
N ASP A 261 34.42 -5.32 14.35
CA ASP A 261 34.55 -6.75 14.10
C ASP A 261 34.93 -7.50 15.38
N LEU A 262 34.14 -8.53 15.75
CA LEU A 262 34.44 -9.39 16.90
C LEU A 262 35.75 -10.16 16.63
N LYS A 263 36.14 -10.24 15.34
CA LYS A 263 37.41 -10.78 14.81
C LYS A 263 37.73 -12.23 15.23
N MET A 264 36.71 -13.08 15.20
CA MET A 264 36.88 -14.50 15.51
C MET A 264 36.92 -15.27 14.20
N ASP A 265 37.57 -16.45 14.22
CA ASP A 265 37.54 -17.34 13.06
C ASP A 265 36.03 -17.63 12.90
N CYS A 266 35.48 -17.46 11.69
CA CYS A 266 34.04 -17.59 11.46
C CYS A 266 33.45 -18.97 11.82
N LYS A 267 34.31 -20.02 11.91
CA LYS A 267 33.88 -21.37 12.32
C LYS A 267 33.31 -21.29 13.73
N GLU A 268 33.88 -20.42 14.59
CA GLU A 268 33.44 -20.21 15.96
C GLU A 268 31.98 -19.80 16.04
N TYR A 269 31.53 -18.98 15.08
CA TYR A 269 30.13 -18.47 15.03
C TYR A 269 29.12 -19.55 14.76
N ASN A 270 29.54 -20.63 14.13
CA ASN A 270 28.65 -21.74 13.73
C ASN A 270 29.04 -23.05 14.40
N TYR A 271 29.60 -22.96 15.59
CA TYR A 271 30.06 -24.14 16.31
C TYR A 271 29.03 -24.56 17.37
N ASP A 272 28.35 -25.72 17.22
CA ASP A 272 28.47 -26.71 16.15
C ASP A 272 27.51 -26.48 14.96
N LYS A 273 26.65 -25.44 15.05
CA LYS A 273 25.69 -25.08 14.00
C LYS A 273 25.12 -23.72 14.33
N SER A 274 24.41 -23.09 13.38
CA SER A 274 23.69 -21.82 13.62
C SER A 274 22.30 -22.05 13.06
N ILE A 275 21.29 -21.81 13.89
CA ILE A 275 19.90 -22.07 13.50
C ILE A 275 19.00 -20.86 13.71
N VAL A 276 17.90 -20.78 12.92
CA VAL A 276 16.87 -19.74 13.07
C VAL A 276 15.75 -20.43 13.83
N ASP A 277 15.45 -19.93 15.04
CA ASP A 277 14.54 -20.63 15.94
C ASP A 277 13.50 -19.76 16.66
N SER A 278 12.25 -19.76 16.15
CA SER A 278 11.16 -19.00 16.76
C SER A 278 10.77 -19.54 18.14
N GLY A 279 11.16 -20.77 18.46
CA GLY A 279 10.84 -21.45 19.71
C GLY A 279 11.80 -21.22 20.86
N THR A 280 12.86 -20.43 20.61
CA THR A 280 13.83 -20.08 21.64
C THR A 280 13.72 -18.57 21.82
N THR A 281 13.75 -18.11 23.06
CA THR A 281 13.67 -16.67 23.33
C THR A 281 14.88 -15.87 22.85
N ASN A 282 16.04 -16.16 23.41
CA ASN A 282 17.24 -15.38 23.22
C ASN A 282 18.00 -15.56 21.94
N LEU A 283 18.98 -14.65 21.73
CA LEU A 283 20.03 -14.86 20.75
C LEU A 283 21.02 -15.68 21.59
N ARG A 284 21.23 -16.96 21.22
CA ARG A 284 22.18 -17.81 21.96
C ARG A 284 23.43 -17.97 21.14
N LEU A 285 24.59 -17.80 21.77
CA LEU A 285 25.86 -17.87 21.05
C LEU A 285 26.76 -18.92 21.64
N PRO A 286 27.61 -19.58 20.81
CA PRO A 286 28.59 -20.53 21.35
C PRO A 286 29.44 -19.88 22.44
N LYS A 287 29.78 -20.64 23.50
CA LYS A 287 30.55 -20.16 24.65
C LYS A 287 31.63 -19.10 24.32
N LYS A 288 32.56 -19.42 23.40
CA LYS A 288 33.65 -18.49 23.05
C LYS A 288 33.13 -17.18 22.45
N VAL A 289 32.13 -17.28 21.59
CA VAL A 289 31.50 -16.14 20.90
C VAL A 289 30.72 -15.29 21.90
N PHE A 290 29.96 -15.94 22.81
CA PHE A 290 29.20 -15.25 23.87
C PHE A 290 30.15 -14.42 24.72
N GLU A 291 31.27 -15.03 25.16
CA GLU A 291 32.25 -14.36 26.01
C GLU A 291 32.85 -13.14 25.32
N ALA A 292 33.20 -13.25 24.02
CA ALA A 292 33.75 -12.11 23.25
C ALA A 292 32.69 -11.01 23.05
N ALA A 293 31.45 -11.42 22.69
CA ALA A 293 30.34 -10.48 22.48
C ALA A 293 30.01 -9.69 23.73
N VAL A 294 29.86 -10.38 24.88
CA VAL A 294 29.55 -9.73 26.15
CA VAL A 294 29.52 -9.70 26.13
C VAL A 294 30.66 -8.74 26.54
N LYS A 295 31.93 -9.09 26.29
CA LYS A 295 33.04 -8.17 26.61
C LYS A 295 32.89 -6.90 25.78
N SER A 296 32.56 -7.06 24.47
CA SER A 296 32.41 -5.91 23.58
CA SER A 296 32.40 -5.92 23.56
C SER A 296 31.16 -5.07 23.91
N ILE A 297 30.02 -5.72 24.23
CA ILE A 297 28.77 -5.00 24.58
C ILE A 297 28.98 -4.24 25.90
N LYS A 298 29.67 -4.86 26.87
CA LYS A 298 30.03 -4.17 28.13
C LYS A 298 30.89 -2.92 27.83
N ALA A 299 31.93 -3.08 26.97
CA ALA A 299 32.81 -1.97 26.62
C ALA A 299 32.05 -0.83 25.95
N ALA A 300 31.15 -1.17 25.02
CA ALA A 300 30.37 -0.16 24.30
C ALA A 300 29.36 0.58 25.20
N SER A 301 28.82 -0.11 26.24
CA SER A 301 27.82 0.42 27.19
C SER A 301 28.44 0.86 28.52
N SER A 302 29.77 0.99 28.59
CA SER A 302 30.52 1.24 29.84
C SER A 302 30.17 2.56 30.60
N THR A 303 29.40 3.50 29.98
CA THR A 303 28.99 4.74 30.70
C THR A 303 28.05 4.40 31.89
N GLU A 304 27.42 3.20 31.86
CA GLU A 304 26.60 2.67 32.94
C GLU A 304 27.10 1.27 33.28
N LYS A 305 27.12 0.93 34.57
CA LYS A 305 27.60 -0.37 35.04
C LYS A 305 26.42 -1.22 35.49
N PHE A 306 26.38 -2.47 35.06
CA PHE A 306 25.29 -3.38 35.38
C PHE A 306 25.81 -4.58 36.17
N PRO A 307 25.01 -5.17 37.09
CA PRO A 307 25.49 -6.33 37.86
C PRO A 307 25.75 -7.53 36.96
N ASP A 308 26.59 -8.47 37.41
CA ASP A 308 26.91 -9.70 36.71
C ASP A 308 25.65 -10.50 36.33
N GLY A 309 24.64 -10.49 37.21
CA GLY A 309 23.37 -11.19 37.00
C GLY A 309 22.63 -10.67 35.77
N PHE A 310 22.82 -9.38 35.44
CA PHE A 310 22.20 -8.79 34.25
C PHE A 310 22.83 -9.42 33.00
N TRP A 311 24.18 -9.41 32.91
CA TRP A 311 24.93 -9.96 31.78
C TRP A 311 24.76 -11.47 31.63
N LEU A 312 24.42 -12.14 32.75
CA LEU A 312 24.14 -13.58 32.81
C LEU A 312 22.69 -13.88 32.35
N GLY A 313 21.94 -12.84 32.01
CA GLY A 313 20.56 -12.96 31.53
C GLY A 313 19.53 -13.38 32.55
N GLU A 314 19.88 -13.33 33.84
CA GLU A 314 19.02 -13.75 34.95
C GLU A 314 18.32 -12.60 35.67
N GLN A 315 19.01 -11.45 35.78
CA GLN A 315 18.55 -10.30 36.55
C GLN A 315 18.04 -9.16 35.68
N LEU A 316 16.94 -8.56 36.09
CA LEU A 316 16.42 -7.42 35.36
C LEU A 316 17.13 -6.14 35.74
N VAL A 317 17.06 -5.16 34.83
CA VAL A 317 17.58 -3.81 35.05
CA VAL A 317 17.58 -3.81 35.05
C VAL A 317 16.43 -2.85 34.72
N CYS A 318 16.20 -1.84 35.58
CA CYS A 318 15.11 -0.88 35.40
C CYS A 318 15.63 0.53 35.29
N TRP A 319 14.91 1.35 34.51
CA TRP A 319 15.16 2.77 34.38
C TRP A 319 13.82 3.48 34.59
N GLN A 320 13.86 4.72 35.06
CA GLN A 320 12.64 5.54 35.25
C GLN A 320 11.88 5.56 33.91
N ALA A 321 10.53 5.56 33.97
CA ALA A 321 9.65 5.55 32.80
C ALA A 321 10.14 6.44 31.66
N GLY A 322 10.32 5.84 30.48
CA GLY A 322 10.75 6.53 29.28
C GLY A 322 12.23 6.88 29.17
N THR A 323 13.04 6.56 30.19
CA THR A 323 14.45 6.96 30.21
C THR A 323 15.45 5.86 29.84
N THR A 324 14.97 4.72 29.28
CA THR A 324 15.90 3.64 28.89
C THR A 324 17.00 4.27 28.00
N PRO A 325 18.29 4.10 28.36
CA PRO A 325 19.35 4.74 27.56
C PRO A 325 19.76 3.89 26.37
N TRP A 326 18.82 3.69 25.43
CA TRP A 326 19.06 2.88 24.22
C TRP A 326 20.39 3.26 23.54
N ASN A 327 20.68 4.56 23.44
CA ASN A 327 21.86 5.08 22.74
C ASN A 327 23.20 4.60 23.32
N ILE A 328 23.25 4.22 24.62
CA ILE A 328 24.51 3.74 25.21
C ILE A 328 24.80 2.29 24.78
N PHE A 329 23.74 1.54 24.40
CA PHE A 329 23.90 0.15 23.99
C PHE A 329 24.22 0.07 22.51
N PRO A 330 25.09 -0.87 22.12
CA PRO A 330 25.48 -0.94 20.70
C PRO A 330 24.49 -1.69 19.81
N VAL A 331 24.61 -1.47 18.49
CA VAL A 331 23.86 -2.29 17.54
C VAL A 331 24.68 -3.58 17.33
N ILE A 332 24.03 -4.67 16.88
CA ILE A 332 24.69 -5.94 16.65
C ILE A 332 24.40 -6.37 15.22
N SER A 333 25.46 -6.66 14.48
CA SER A 333 25.36 -7.11 13.09
C SER A 333 25.85 -8.53 12.92
N LEU A 334 25.01 -9.35 12.31
CA LEU A 334 25.34 -10.72 11.96
C LEU A 334 25.36 -10.76 10.45
N TYR A 335 26.51 -11.14 9.87
CA TYR A 335 26.69 -11.26 8.43
C TYR A 335 26.38 -12.71 8.07
N LEU A 336 25.55 -12.90 7.07
CA LEU A 336 25.13 -14.23 6.64
C LEU A 336 25.58 -14.49 5.22
N MET A 337 25.87 -15.76 4.93
CA MET A 337 26.27 -16.18 3.60
C MET A 337 25.18 -15.83 2.62
N GLY A 338 25.56 -15.24 1.49
CA GLY A 338 24.60 -14.88 0.47
C GLY A 338 24.37 -16.04 -0.48
N GLU A 339 23.43 -15.88 -1.42
CA GLU A 339 23.18 -16.94 -2.40
C GLU A 339 24.19 -16.88 -3.54
N VAL A 340 24.78 -15.71 -3.78
CA VAL A 340 25.78 -15.47 -4.83
C VAL A 340 27.15 -15.80 -4.23
N THR A 341 27.99 -16.51 -4.99
CA THR A 341 29.34 -16.89 -4.56
C THR A 341 30.12 -15.64 -4.16
N ASN A 342 30.84 -15.73 -3.03
CA ASN A 342 31.70 -14.69 -2.45
C ASN A 342 30.94 -13.45 -2.00
N GLN A 343 29.64 -13.60 -1.76
CA GLN A 343 28.79 -12.48 -1.37
C GLN A 343 28.08 -12.77 -0.05
N SER A 344 28.04 -11.78 0.84
CA SER A 344 27.31 -11.87 2.10
C SER A 344 26.39 -10.65 2.26
N PHE A 345 25.52 -10.69 3.29
CA PHE A 345 24.70 -9.54 3.60
C PHE A 345 24.65 -9.49 5.12
N ARG A 346 24.16 -8.41 5.68
CA ARG A 346 24.12 -8.32 7.14
C ARG A 346 22.74 -7.97 7.64
N ILE A 347 22.41 -8.47 8.81
CA ILE A 347 21.18 -8.13 9.53
C ILE A 347 21.67 -7.41 10.81
N THR A 348 21.07 -6.25 11.12
CA THR A 348 21.47 -5.45 12.26
C THR A 348 20.33 -5.29 13.22
N ILE A 349 20.55 -5.63 14.49
CA ILE A 349 19.54 -5.46 15.53
C ILE A 349 19.96 -4.38 16.48
N LEU A 350 18.97 -3.86 17.18
CA LEU A 350 19.15 -2.79 18.15
C LEU A 350 19.03 -3.34 19.56
N PRO A 351 19.40 -2.57 20.62
CA PRO A 351 19.10 -3.03 21.98
C PRO A 351 17.57 -3.18 22.21
N GLN A 352 16.71 -2.53 21.41
CA GLN A 352 15.25 -2.69 21.50
C GLN A 352 14.87 -4.14 21.19
N GLN A 353 15.76 -4.88 20.47
CA GLN A 353 15.57 -6.30 20.21
C GLN A 353 16.24 -7.14 21.28
N TYR A 354 17.52 -6.88 21.61
CA TYR A 354 18.20 -7.79 22.54
C TYR A 354 17.99 -7.48 24.02
N LEU A 355 17.23 -6.41 24.34
CA LEU A 355 16.85 -6.14 25.73
C LEU A 355 15.39 -6.52 25.78
N ARG A 356 15.08 -7.60 26.48
CA ARG A 356 13.72 -8.14 26.52
C ARG A 356 12.89 -7.46 27.60
N PRO A 357 11.76 -6.79 27.25
CA PRO A 357 10.92 -6.16 28.28
C PRO A 357 10.35 -7.18 29.26
N VAL A 358 10.45 -6.87 30.56
CA VAL A 358 9.95 -7.70 31.65
C VAL A 358 9.22 -6.81 32.67
N GLU A 359 8.30 -7.42 33.43
CA GLU A 359 7.61 -6.68 34.49
C GLU A 359 8.50 -6.63 35.74
N ASP A 360 8.40 -5.53 36.50
CA ASP A 360 9.09 -5.31 37.76
C ASP A 360 8.36 -6.15 38.82
N VAL A 361 9.02 -6.46 39.95
CA VAL A 361 8.39 -7.20 41.07
C VAL A 361 7.26 -6.35 41.73
N ALA A 362 7.44 -5.01 41.73
CA ALA A 362 6.48 -4.04 42.27
C ALA A 362 5.43 -3.58 41.24
N THR A 363 5.56 -4.06 39.97
CA THR A 363 4.73 -3.70 38.80
C THR A 363 4.65 -2.15 38.66
N SER A 364 5.77 -1.46 38.99
CA SER A 364 5.96 -0.01 38.99
C SER A 364 5.89 0.57 37.58
N GLN A 365 6.12 1.89 37.45
CA GLN A 365 6.11 2.58 36.15
C GLN A 365 7.47 2.54 35.45
N ASP A 366 8.47 1.94 36.11
CA ASP A 366 9.80 1.83 35.51
C ASP A 366 9.75 0.95 34.27
N ASP A 367 10.68 1.18 33.33
CA ASP A 367 10.80 0.32 32.17
C ASP A 367 11.95 -0.63 32.46
N CYS A 368 11.63 -1.93 32.56
CA CYS A 368 12.58 -2.99 32.91
C CYS A 368 12.83 -3.98 31.81
N TYR A 369 14.03 -4.56 31.81
CA TYR A 369 14.46 -5.50 30.76
C TYR A 369 15.44 -6.53 31.30
N LYS A 370 15.54 -7.65 30.58
CA LYS A 370 16.57 -8.66 30.80
C LYS A 370 17.44 -8.67 29.54
N PHE A 371 18.72 -8.98 29.71
CA PHE A 371 19.68 -9.12 28.61
C PHE A 371 19.36 -10.46 27.94
N ALA A 372 18.87 -10.39 26.68
CA ALA A 372 18.40 -11.57 25.96
C ALA A 372 19.44 -12.19 25.01
N ILE A 373 20.71 -12.15 25.43
CA ILE A 373 21.81 -12.80 24.72
C ILE A 373 22.42 -13.71 25.76
N SER A 374 22.56 -15.00 25.42
CA SER A 374 23.08 -15.96 26.39
C SER A 374 23.96 -17.03 25.75
N GLN A 375 24.70 -17.75 26.58
CA GLN A 375 25.63 -18.79 26.20
C GLN A 375 24.90 -20.05 25.72
N SER A 376 25.51 -20.72 24.75
CA SER A 376 25.02 -21.98 24.20
C SER A 376 26.17 -22.99 24.09
N SER A 377 25.86 -24.28 24.31
CA SER A 377 26.79 -25.39 24.14
C SER A 377 26.32 -26.16 22.89
N THR A 378 25.25 -25.66 22.22
CA THR A 378 24.69 -26.34 21.05
C THR A 378 24.63 -25.46 19.79
N GLY A 379 25.53 -24.48 19.71
CA GLY A 379 25.59 -23.63 18.54
C GLY A 379 24.83 -22.31 18.68
N THR A 380 24.86 -21.51 17.63
CA THR A 380 24.13 -20.24 17.64
C THR A 380 22.65 -20.53 17.49
N VAL A 381 21.84 -19.81 18.24
CA VAL A 381 20.39 -19.92 18.14
C VAL A 381 19.87 -18.53 17.89
N MET A 382 19.40 -18.27 16.67
CA MET A 382 18.84 -16.96 16.35
C MET A 382 17.37 -17.02 16.78
N GLY A 383 17.17 -16.74 18.06
CA GLY A 383 15.86 -16.83 18.71
C GLY A 383 14.89 -15.71 18.40
N ALA A 384 13.76 -15.71 19.10
CA ALA A 384 12.66 -14.76 18.92
C ALA A 384 13.08 -13.31 19.04
N VAL A 385 13.99 -12.98 19.97
CA VAL A 385 14.42 -11.57 20.15
C VAL A 385 15.09 -11.03 18.88
N ILE A 386 15.79 -11.89 18.08
CA ILE A 386 16.44 -11.57 16.79
CA ILE A 386 16.41 -11.43 16.84
C ILE A 386 15.37 -11.50 15.70
N MET A 387 14.50 -12.53 15.66
CA MET A 387 13.43 -12.62 14.65
C MET A 387 12.48 -11.43 14.75
N GLU A 388 12.32 -10.85 15.97
CA GLU A 388 11.46 -9.68 16.17
C GLU A 388 11.91 -8.43 15.35
N GLY A 389 13.17 -8.41 14.93
CA GLY A 389 13.66 -7.30 14.13
C GLY A 389 13.34 -7.44 12.66
N PHE A 390 12.94 -8.67 12.23
CA PHE A 390 12.81 -8.98 10.81
C PHE A 390 11.60 -9.78 10.40
N TYR A 391 11.27 -9.67 9.10
CA TYR A 391 10.30 -10.53 8.43
C TYR A 391 11.17 -11.66 7.93
N VAL A 392 10.90 -12.88 8.39
CA VAL A 392 11.76 -14.02 8.09
C VAL A 392 11.05 -15.01 7.18
N VAL A 393 11.60 -15.22 5.98
CA VAL A 393 11.00 -16.12 4.97
C VAL A 393 11.67 -17.47 4.96
N PHE A 394 10.93 -18.52 5.34
CA PHE A 394 11.43 -19.91 5.31
C PHE A 394 11.06 -20.49 3.96
N ASP A 395 11.90 -20.20 2.96
CA ASP A 395 11.67 -20.67 1.59
C ASP A 395 12.22 -22.09 1.47
N ARG A 396 11.42 -23.08 1.85
CA ARG A 396 11.85 -24.49 1.82
C ARG A 396 12.07 -24.97 0.37
N ALA A 397 11.18 -24.53 -0.54
CA ALA A 397 11.22 -24.84 -1.97
C ALA A 397 12.60 -24.55 -2.59
N ARG A 398 13.16 -23.38 -2.26
CA ARG A 398 14.44 -22.92 -2.79
C ARG A 398 15.58 -23.05 -1.77
N LYS A 399 15.37 -23.85 -0.69
CA LYS A 399 16.37 -24.13 0.35
C LYS A 399 17.09 -22.83 0.79
N ARG A 400 16.33 -21.81 1.17
CA ARG A 400 16.91 -20.52 1.59
C ARG A 400 16.05 -19.81 2.62
N ILE A 401 16.67 -18.91 3.40
CA ILE A 401 15.97 -18.13 4.40
CA ILE A 401 15.99 -18.12 4.43
C ILE A 401 16.14 -16.66 4.06
N GLY A 402 15.02 -15.95 3.92
CA GLY A 402 15.01 -14.54 3.60
C GLY A 402 14.85 -13.68 4.82
N PHE A 403 15.55 -12.54 4.84
CA PHE A 403 15.45 -11.55 5.90
C PHE A 403 15.20 -10.18 5.33
N ALA A 404 14.28 -9.45 5.93
CA ALA A 404 14.00 -8.05 5.60
C ALA A 404 13.61 -7.37 6.88
N VAL A 405 13.84 -6.06 6.96
CA VAL A 405 13.46 -5.27 8.14
C VAL A 405 11.96 -5.42 8.39
N SER A 406 11.58 -5.74 9.64
CA SER A 406 10.17 -5.91 9.97
C SER A 406 9.43 -4.57 10.07
N ALA A 407 8.19 -4.54 9.53
CA ALA A 407 7.32 -3.37 9.67
C ALA A 407 6.88 -3.20 11.16
N CYS A 408 7.12 -4.21 12.02
CA CYS A 408 6.73 -4.11 13.42
C CYS A 408 7.92 -4.15 14.36
N HIS A 409 9.17 -3.98 13.86
CA HIS A 409 10.32 -3.96 14.77
C HIS A 409 10.29 -2.71 15.65
N VAL A 410 10.74 -2.86 16.90
CA VAL A 410 10.81 -1.75 17.86
C VAL A 410 12.10 -0.97 17.61
N HIS A 411 12.00 0.38 17.54
CA HIS A 411 13.18 1.20 17.33
C HIS A 411 12.98 2.58 17.97
N ASP A 412 13.88 3.52 17.67
CA ASP A 412 13.75 4.87 18.19
C ASP A 412 13.92 5.82 17.01
N GLU A 413 13.91 7.13 17.26
CA GLU A 413 14.04 8.13 16.19
C GLU A 413 15.45 8.21 15.56
N PHE A 414 16.46 7.61 16.19
CA PHE A 414 17.83 7.70 15.70
C PHE A 414 18.37 6.50 14.94
N ARG A 415 17.89 5.30 15.27
CA ARG A 415 18.40 4.08 14.65
C ARG A 415 17.24 3.12 14.38
N THR A 416 17.40 2.28 13.36
CA THR A 416 16.42 1.21 13.03
CA THR A 416 16.43 1.24 12.99
C THR A 416 17.18 -0.08 12.79
N ALA A 417 16.45 -1.21 12.76
CA ALA A 417 17.08 -2.47 12.41
C ALA A 417 17.41 -2.34 10.92
N ALA A 418 18.31 -3.17 10.41
CA ALA A 418 18.68 -3.07 8.99
C ALA A 418 18.98 -4.43 8.39
N VAL A 419 18.80 -4.55 7.08
CA VAL A 419 19.23 -5.70 6.27
C VAL A 419 19.90 -5.05 5.07
N GLU A 420 21.21 -5.27 4.94
CA GLU A 420 22.00 -4.57 3.92
C GLU A 420 22.99 -5.47 3.26
N GLY A 421 23.31 -5.14 2.01
CA GLY A 421 24.32 -5.85 1.25
C GLY A 421 24.48 -5.29 -0.15
N PRO A 422 25.33 -5.89 -0.99
CA PRO A 422 26.18 -7.05 -0.73
C PRO A 422 27.56 -6.68 -0.19
N PHE A 423 28.22 -7.65 0.45
CA PHE A 423 29.59 -7.51 0.91
C PHE A 423 30.39 -8.64 0.26
N VAL A 424 31.57 -8.33 -0.25
CA VAL A 424 32.43 -9.35 -0.83
C VAL A 424 33.10 -10.07 0.35
N THR A 425 32.73 -11.36 0.55
CA THR A 425 33.28 -12.18 1.64
C THR A 425 33.83 -13.48 1.05
N LEU A 426 35.10 -13.78 1.33
CA LEU A 426 35.75 -14.98 0.77
C LEU A 426 35.68 -16.20 1.69
N ASP A 427 35.81 -17.39 1.07
CA ASP A 427 35.79 -18.74 1.67
C ASP A 427 34.75 -18.86 2.81
N MET A 428 33.49 -18.59 2.46
CA MET A 428 32.37 -18.63 3.41
C MET A 428 31.99 -20.07 3.79
N GLU A 429 32.25 -21.05 2.88
CA GLU A 429 32.00 -22.47 3.15
C GLU A 429 32.83 -22.95 4.36
N ASP A 430 34.05 -22.37 4.53
CA ASP A 430 34.97 -22.66 5.63
C ASP A 430 34.41 -22.28 7.01
N CYS A 431 33.36 -21.44 7.03
CA CYS A 431 32.72 -21.01 8.28
C CYS A 431 31.82 -22.11 8.83
N GLY A 432 31.35 -22.98 7.94
CA GLY A 432 30.50 -24.12 8.28
C GLY A 432 31.28 -25.15 9.07
N TYR A 433 30.66 -25.68 10.11
CA TYR A 433 31.31 -26.66 10.96
C TYR A 433 30.96 -28.08 10.53
N ASN A 434 31.97 -28.99 10.56
CA ASN A 434 31.79 -30.38 10.17
C ASN A 434 32.01 -31.33 11.35
N PHE B 48 -20.72 15.73 -36.26
CA PHE B 48 -19.74 16.84 -36.27
C PHE B 48 -18.34 16.26 -36.50
N VAL B 49 -18.18 15.45 -37.56
CA VAL B 49 -16.97 14.72 -37.97
C VAL B 49 -15.69 15.55 -37.97
N GLU B 50 -15.77 16.82 -38.41
CA GLU B 50 -14.62 17.74 -38.46
C GLU B 50 -14.02 18.00 -37.07
N MET B 51 -14.82 17.81 -36.01
CA MET B 51 -14.40 18.04 -34.63
C MET B 51 -14.14 16.76 -33.85
N VAL B 52 -14.64 15.62 -34.35
CA VAL B 52 -14.41 14.33 -33.69
C VAL B 52 -12.90 14.01 -33.73
N ASP B 53 -12.33 13.54 -32.58
CA ASP B 53 -10.92 13.18 -32.42
C ASP B 53 -9.96 14.40 -32.47
N ASN B 54 -10.45 15.60 -32.09
CA ASN B 54 -9.61 16.81 -32.13
C ASN B 54 -8.78 17.03 -30.86
N LEU B 55 -8.95 16.15 -29.84
CA LEU B 55 -8.17 16.29 -28.60
C LEU B 55 -7.03 15.30 -28.56
N ARG B 56 -6.00 15.63 -27.78
CA ARG B 56 -4.85 14.79 -27.51
C ARG B 56 -4.47 15.00 -26.05
N GLY B 57 -3.72 14.06 -25.47
CA GLY B 57 -3.27 14.15 -24.10
C GLY B 57 -3.81 13.06 -23.19
N LYS B 58 -3.79 13.32 -21.87
CA LYS B 58 -4.22 12.36 -20.85
C LYS B 58 -4.62 13.06 -19.57
N SER B 59 -5.27 12.34 -18.62
CA SER B 59 -5.77 12.92 -17.37
C SER B 59 -4.70 13.63 -16.52
N GLY B 60 -3.53 13.01 -16.38
CA GLY B 60 -2.41 13.50 -15.58
C GLY B 60 -1.78 14.79 -16.03
N GLN B 61 -1.70 15.01 -17.36
CA GLN B 61 -1.07 16.23 -17.92
C GLN B 61 -2.07 17.15 -18.65
N GLY B 62 -3.32 16.71 -18.79
CA GLY B 62 -4.39 17.46 -19.44
C GLY B 62 -4.61 17.11 -20.90
N TYR B 63 -5.83 17.44 -21.37
CA TYR B 63 -6.27 17.24 -22.74
C TYR B 63 -6.21 18.56 -23.46
N TYR B 64 -5.61 18.57 -24.66
CA TYR B 64 -5.44 19.82 -25.40
C TYR B 64 -6.00 19.78 -26.83
N VAL B 65 -6.28 20.96 -27.35
CA VAL B 65 -6.83 21.15 -28.68
C VAL B 65 -5.90 22.11 -29.43
N GLU B 66 -5.78 21.94 -30.76
CA GLU B 66 -4.94 22.82 -31.59
CA GLU B 66 -4.95 22.81 -31.59
C GLU B 66 -5.72 24.10 -31.85
N MET B 67 -5.05 25.25 -31.73
CA MET B 67 -5.67 26.56 -32.00
C MET B 67 -4.63 27.41 -32.73
N THR B 68 -5.10 28.48 -33.37
CA THR B 68 -4.19 29.45 -33.98
C THR B 68 -4.52 30.80 -33.41
N VAL B 69 -3.49 31.61 -33.20
CA VAL B 69 -3.61 32.99 -32.71
C VAL B 69 -2.78 33.88 -33.63
N GLY B 70 -3.29 35.08 -33.90
CA GLY B 70 -2.58 36.08 -34.70
C GLY B 70 -2.68 35.95 -36.20
N SER B 71 -2.05 36.91 -36.90
CA SER B 71 -2.03 36.98 -38.36
C SER B 71 -0.59 37.28 -38.83
N PRO B 72 0.08 36.37 -39.56
CA PRO B 72 -0.37 35.04 -40.03
C PRO B 72 -0.63 34.11 -38.83
N PRO B 73 -1.43 33.02 -38.99
CA PRO B 73 -1.74 32.19 -37.82
C PRO B 73 -0.55 31.49 -37.18
N GLN B 74 -0.47 31.60 -35.84
CA GLN B 74 0.56 30.95 -35.04
C GLN B 74 -0.13 29.76 -34.36
N THR B 75 0.31 28.53 -34.70
CA THR B 75 -0.28 27.29 -34.16
C THR B 75 0.23 27.05 -32.75
N LEU B 76 -0.70 26.74 -31.83
CA LEU B 76 -0.41 26.41 -30.43
C LEU B 76 -1.35 25.33 -29.93
N ASN B 77 -0.80 24.48 -29.07
CA ASN B 77 -1.55 23.41 -28.41
C ASN B 77 -2.09 23.96 -27.12
N ILE B 78 -3.40 23.88 -26.95
CA ILE B 78 -4.04 24.55 -25.82
C ILE B 78 -4.83 23.62 -24.92
N LEU B 79 -4.46 23.57 -23.63
CA LEU B 79 -5.15 22.80 -22.61
C LEU B 79 -6.64 23.20 -22.47
N VAL B 80 -7.54 22.22 -22.58
CA VAL B 80 -9.00 22.44 -22.47
C VAL B 80 -9.31 22.41 -20.98
N ASP B 81 -9.67 23.59 -20.39
CA ASP B 81 -9.94 23.73 -18.97
C ASP B 81 -11.32 24.28 -18.61
N THR B 82 -12.24 23.39 -18.23
CA THR B 82 -13.56 23.83 -17.76
C THR B 82 -13.54 24.38 -16.32
N GLY B 83 -12.38 24.35 -15.66
CA GLY B 83 -12.22 24.82 -14.28
C GLY B 83 -11.59 26.20 -14.08
N SER B 84 -11.47 26.98 -15.17
CA SER B 84 -10.95 28.35 -15.14
C SER B 84 -11.55 29.12 -16.30
N SER B 85 -11.30 30.43 -16.41
CA SER B 85 -11.98 31.26 -17.41
C SER B 85 -11.09 32.19 -18.23
N ASN B 86 -9.78 32.00 -18.13
CA ASN B 86 -8.81 32.81 -18.88
C ASN B 86 -8.20 32.01 -20.00
N PHE B 87 -8.10 32.66 -21.17
CA PHE B 87 -7.41 32.10 -22.33
C PHE B 87 -5.99 32.74 -22.24
N ALA B 88 -4.98 31.88 -22.09
CA ALA B 88 -3.62 32.35 -21.91
C ALA B 88 -2.64 31.47 -22.63
N VAL B 89 -1.58 32.07 -23.17
CA VAL B 89 -0.58 31.32 -23.92
C VAL B 89 0.84 31.73 -23.52
N GLY B 90 1.78 30.78 -23.61
CA GLY B 90 3.19 31.12 -23.41
C GLY B 90 3.55 32.15 -24.46
N ALA B 91 4.19 33.26 -24.05
CA ALA B 91 4.55 34.36 -24.94
C ALA B 91 6.02 34.74 -24.87
N ALA B 92 6.82 33.92 -24.18
CA ALA B 92 8.26 34.12 -24.04
C ALA B 92 8.93 32.76 -23.88
N PRO B 93 10.25 32.60 -24.20
CA PRO B 93 10.88 31.28 -24.04
C PRO B 93 10.76 30.73 -22.61
N HIS B 94 10.58 29.41 -22.53
CA HIS B 94 10.47 28.69 -21.27
C HIS B 94 11.09 27.32 -21.55
N PRO B 95 11.84 26.73 -20.57
CA PRO B 95 12.46 25.42 -20.84
C PRO B 95 11.50 24.33 -21.31
N PHE B 96 10.22 24.39 -20.90
CA PHE B 96 9.22 23.39 -21.27
C PHE B 96 8.38 23.75 -22.50
N LEU B 97 8.64 24.92 -23.13
CA LEU B 97 7.90 25.30 -24.33
C LEU B 97 8.78 25.14 -25.56
N HIS B 98 8.26 24.50 -26.62
CA HIS B 98 8.97 24.36 -27.89
C HIS B 98 8.57 25.51 -28.82
N ARG B 99 7.44 26.17 -28.49
CA ARG B 99 6.91 27.32 -29.24
C ARG B 99 6.07 28.19 -28.31
N TYR B 100 5.85 29.46 -28.71
CA TYR B 100 5.10 30.42 -27.91
C TYR B 100 4.57 31.53 -28.82
N TYR B 101 3.59 32.28 -28.34
CA TYR B 101 2.97 33.39 -29.06
C TYR B 101 3.97 34.55 -29.19
N GLN B 102 4.17 35.02 -30.44
CA GLN B 102 5.06 36.14 -30.75
C GLN B 102 4.20 37.31 -31.22
N ARG B 103 3.84 38.17 -30.27
CA ARG B 103 2.93 39.31 -30.51
C ARG B 103 3.40 40.24 -31.61
N GLN B 104 4.72 40.51 -31.63
CA GLN B 104 5.35 41.38 -32.63
C GLN B 104 5.20 40.86 -34.07
N LEU B 105 4.90 39.54 -34.26
CA LEU B 105 4.72 38.94 -35.59
C LEU B 105 3.27 38.87 -36.03
N SER B 106 2.36 39.34 -35.16
CA SER B 106 0.95 39.35 -35.49
C SER B 106 0.49 40.76 -35.84
N SER B 107 -0.01 40.95 -37.07
CA SER B 107 -0.49 42.25 -37.54
C SER B 107 -1.82 42.64 -36.88
N THR B 108 -2.55 41.64 -36.33
CA THR B 108 -3.86 41.87 -35.72
C THR B 108 -3.79 41.95 -34.20
N TYR B 109 -2.59 41.87 -33.63
CA TYR B 109 -2.39 41.99 -32.19
C TYR B 109 -2.82 43.39 -31.67
N ARG B 110 -3.53 43.42 -30.53
CA ARG B 110 -3.95 44.67 -29.88
C ARG B 110 -3.52 44.57 -28.44
N ASP B 111 -2.75 45.58 -27.99
CA ASP B 111 -2.25 45.64 -26.60
C ASP B 111 -3.33 46.25 -25.71
N LEU B 112 -3.74 45.53 -24.63
CA LEU B 112 -4.72 46.06 -23.70
C LEU B 112 -4.04 46.88 -22.58
N ARG B 113 -2.67 46.92 -22.56
CA ARG B 113 -1.87 47.71 -21.60
CA ARG B 113 -1.84 47.66 -21.61
C ARG B 113 -2.24 47.39 -20.14
N LYS B 114 -2.41 46.11 -19.80
CA LYS B 114 -2.79 45.71 -18.46
C LYS B 114 -2.23 44.34 -18.14
N GLY B 115 -1.68 44.23 -16.93
CA GLY B 115 -1.13 42.99 -16.41
C GLY B 115 -2.26 42.11 -15.91
N VAL B 116 -1.99 40.81 -15.80
CA VAL B 116 -2.98 39.82 -15.36
C VAL B 116 -2.20 38.73 -14.62
N TYR B 117 -2.76 38.25 -13.51
CA TYR B 117 -2.19 37.17 -12.72
C TYR B 117 -3.27 36.12 -12.44
N VAL B 118 -2.98 34.83 -12.69
CA VAL B 118 -3.96 33.79 -12.38
C VAL B 118 -3.33 32.71 -11.49
N PRO B 119 -3.86 32.52 -10.27
CA PRO B 119 -3.33 31.45 -9.41
C PRO B 119 -4.22 30.19 -9.52
N TYR B 120 -3.61 29.02 -9.78
CA TYR B 120 -4.41 27.79 -9.84
C TYR B 120 -4.19 26.99 -8.56
N THR B 121 -4.40 25.64 -8.59
CA THR B 121 -4.22 24.81 -7.39
C THR B 121 -2.77 24.83 -6.88
N GLN B 122 -1.82 24.56 -7.78
CA GLN B 122 -0.37 24.53 -7.51
C GLN B 122 0.35 25.55 -8.40
N GLY B 123 0.03 25.53 -9.69
CA GLY B 123 0.65 26.42 -10.66
C GLY B 123 0.08 27.82 -10.66
N LYS B 124 0.77 28.75 -11.34
CA LYS B 124 0.33 30.14 -11.48
C LYS B 124 1.11 30.82 -12.58
N TRP B 125 0.54 31.91 -13.13
CA TRP B 125 1.27 32.66 -14.15
C TRP B 125 0.95 34.13 -14.06
N GLU B 126 1.87 34.94 -14.60
CA GLU B 126 1.74 36.39 -14.72
C GLU B 126 1.83 36.67 -16.20
N GLY B 127 1.03 37.60 -16.67
CA GLY B 127 1.01 37.94 -18.08
C GLY B 127 0.55 39.33 -18.43
N GLU B 128 0.47 39.57 -19.74
CA GLU B 128 0.11 40.82 -20.36
C GLU B 128 -1.11 40.63 -21.22
N LEU B 129 -2.15 41.43 -20.95
CA LEU B 129 -3.40 41.33 -21.68
C LEU B 129 -3.37 41.98 -23.04
N GLY B 130 -4.10 41.37 -23.93
CA GLY B 130 -4.26 41.88 -25.28
C GLY B 130 -5.35 41.11 -25.96
N THR B 131 -5.61 41.45 -27.22
CA THR B 131 -6.58 40.72 -28.04
C THR B 131 -5.92 40.36 -29.36
N ASP B 132 -6.46 39.33 -30.04
CA ASP B 132 -6.02 38.88 -31.35
C ASP B 132 -7.04 37.95 -31.96
N LEU B 133 -6.92 37.70 -33.26
CA LEU B 133 -7.77 36.78 -33.99
C LEU B 133 -7.39 35.35 -33.62
N VAL B 134 -8.41 34.52 -33.34
CA VAL B 134 -8.24 33.14 -32.89
C VAL B 134 -9.14 32.22 -33.73
N SER B 135 -8.61 31.03 -34.08
CA SER B 135 -9.34 30.01 -34.82
CA SER B 135 -9.34 30.00 -34.82
C SER B 135 -9.01 28.64 -34.24
N ILE B 136 -9.88 27.65 -34.49
CA ILE B 136 -9.68 26.29 -34.02
C ILE B 136 -9.71 25.46 -35.31
N PRO B 137 -8.52 25.05 -35.81
CA PRO B 137 -8.48 24.31 -37.09
C PRO B 137 -9.42 23.13 -37.16
N HIS B 138 -9.51 22.31 -36.08
CA HIS B 138 -10.43 21.17 -36.06
C HIS B 138 -11.60 21.55 -35.13
N GLY B 139 -12.20 22.68 -35.46
CA GLY B 139 -13.33 23.27 -34.74
C GLY B 139 -14.31 23.90 -35.71
N PRO B 140 -15.16 24.83 -35.28
CA PRO B 140 -16.07 25.47 -36.25
C PRO B 140 -15.26 26.33 -37.22
N ASN B 141 -15.76 26.52 -38.44
CA ASN B 141 -15.08 27.29 -39.47
C ASN B 141 -15.33 28.79 -39.24
N VAL B 142 -14.75 29.30 -38.15
CA VAL B 142 -14.94 30.71 -37.73
C VAL B 142 -13.62 31.26 -37.17
N THR B 143 -13.49 32.59 -37.19
CA THR B 143 -12.36 33.33 -36.65
C THR B 143 -12.97 34.38 -35.75
N VAL B 144 -12.49 34.47 -34.51
CA VAL B 144 -13.05 35.44 -33.56
C VAL B 144 -11.95 36.31 -32.95
N ARG B 145 -12.30 37.51 -32.48
CA ARG B 145 -11.31 38.32 -31.78
C ARG B 145 -11.54 38.08 -30.32
N ALA B 146 -10.52 37.59 -29.63
CA ALA B 146 -10.67 37.25 -28.22
C ALA B 146 -9.54 37.77 -27.36
N ASN B 147 -9.82 37.92 -26.05
CA ASN B 147 -8.82 38.29 -25.05
C ASN B 147 -7.80 37.18 -24.92
N ILE B 148 -6.51 37.56 -24.88
CA ILE B 148 -5.40 36.62 -24.75
C ILE B 148 -4.47 37.18 -23.70
N ALA B 149 -4.15 36.38 -22.70
CA ALA B 149 -3.16 36.74 -21.69
C ALA B 149 -1.82 36.16 -22.18
N ALA B 150 -0.87 37.01 -22.52
CA ALA B 150 0.44 36.60 -22.99
C ALA B 150 1.31 36.36 -21.76
N ILE B 151 1.56 35.08 -21.45
CA ILE B 151 2.32 34.69 -20.25
C ILE B 151 3.78 35.12 -20.37
N THR B 152 4.24 35.90 -19.39
CA THR B 152 5.63 36.40 -19.36
C THR B 152 6.44 35.72 -18.25
N GLU B 153 5.76 35.27 -17.19
CA GLU B 153 6.36 34.59 -16.05
C GLU B 153 5.40 33.53 -15.51
N SER B 154 5.94 32.39 -15.07
CA SER B 154 5.10 31.31 -14.54
C SER B 154 5.84 30.44 -13.56
N ASP B 155 5.10 29.74 -12.69
CA ASP B 155 5.68 28.80 -11.74
C ASP B 155 4.83 27.55 -11.68
N LYS B 156 5.44 26.38 -11.94
CA LYS B 156 4.76 25.08 -11.88
C LYS B 156 3.47 25.05 -12.74
N PHE B 157 3.43 25.85 -13.83
CA PHE B 157 2.28 25.91 -14.72
C PHE B 157 2.53 24.99 -15.93
N PHE B 158 3.55 25.31 -16.74
CA PHE B 158 3.88 24.48 -17.90
C PHE B 158 4.39 23.12 -17.42
N ILE B 159 4.00 22.04 -18.14
CA ILE B 159 4.37 20.68 -17.79
C ILE B 159 5.37 20.15 -18.81
N ASN B 160 6.52 19.68 -18.32
CA ASN B 160 7.57 19.07 -19.14
C ASN B 160 6.99 17.88 -19.91
N GLY B 161 7.01 17.99 -21.25
CA GLY B 161 6.53 16.97 -22.18
C GLY B 161 5.03 16.84 -22.36
N SER B 162 4.23 17.85 -21.90
CA SER B 162 2.75 17.79 -22.03
C SER B 162 2.27 18.06 -23.48
N ASN B 163 3.11 18.76 -24.25
CA ASN B 163 2.86 19.21 -25.62
C ASN B 163 1.91 20.43 -25.68
N TRP B 164 1.40 20.96 -24.55
CA TRP B 164 0.58 22.14 -24.66
C TRP B 164 1.35 23.40 -24.24
N GLU B 165 0.98 24.53 -24.85
CA GLU B 165 1.64 25.83 -24.70
C GLU B 165 0.75 26.93 -24.14
N GLY B 166 -0.50 26.60 -23.88
CA GLY B 166 -1.46 27.55 -23.35
C GLY B 166 -2.63 26.85 -22.71
N ILE B 167 -3.58 27.65 -22.22
CA ILE B 167 -4.76 27.17 -21.52
C ILE B 167 -6.00 27.87 -22.02
N LEU B 168 -7.08 27.11 -22.18
CA LEU B 168 -8.36 27.63 -22.62
C LEU B 168 -9.38 27.49 -21.50
N GLY B 169 -9.57 28.59 -20.76
CA GLY B 169 -10.51 28.62 -19.64
C GLY B 169 -11.92 28.75 -20.19
N LEU B 170 -12.71 27.65 -20.09
CA LEU B 170 -14.05 27.58 -20.67
C LEU B 170 -15.17 27.92 -19.73
N ALA B 171 -14.86 28.18 -18.45
CA ALA B 171 -15.88 28.54 -17.46
C ALA B 171 -16.28 30.02 -17.64
N TYR B 172 -17.07 30.57 -16.72
CA TYR B 172 -17.70 31.88 -16.83
C TYR B 172 -16.88 33.09 -16.32
N ALA B 173 -17.26 34.29 -16.80
CA ALA B 173 -16.60 35.57 -16.47
C ALA B 173 -16.40 35.84 -15.00
N GLU B 174 -17.35 35.37 -14.13
CA GLU B 174 -17.28 35.61 -12.69
CA GLU B 174 -17.31 35.57 -12.69
C GLU B 174 -15.93 35.22 -12.09
N ILE B 175 -15.29 34.17 -12.62
CA ILE B 175 -13.99 33.74 -12.09
C ILE B 175 -12.76 34.14 -12.97
N ALA B 176 -12.98 34.97 -14.01
CA ALA B 176 -11.87 35.47 -14.84
C ALA B 176 -11.04 36.50 -14.09
N ARG B 177 -9.74 36.52 -14.37
CA ARG B 177 -8.83 37.51 -13.79
C ARG B 177 -8.44 38.48 -14.91
N PRO B 178 -8.20 39.78 -14.62
CA PRO B 178 -8.26 40.47 -13.30
C PRO B 178 -9.64 40.48 -12.66
N ASP B 179 -10.71 40.53 -13.47
CA ASP B 179 -12.09 40.54 -13.00
C ASP B 179 -13.08 40.07 -14.09
N ASP B 180 -14.41 40.11 -13.79
CA ASP B 180 -15.45 39.65 -14.72
C ASP B 180 -15.66 40.55 -15.96
N SER B 181 -14.89 41.65 -16.11
CA SER B 181 -15.01 42.43 -17.35
C SER B 181 -14.14 41.81 -18.49
N LEU B 182 -13.25 40.86 -18.16
CA LEU B 182 -12.43 40.21 -19.19
C LEU B 182 -13.21 39.06 -19.77
N GLU B 183 -13.84 39.33 -20.92
CA GLU B 183 -14.68 38.36 -21.60
C GLU B 183 -13.93 37.07 -21.89
N PRO B 184 -14.43 35.90 -21.38
CA PRO B 184 -13.76 34.62 -21.67
C PRO B 184 -13.94 34.25 -23.14
N PHE B 185 -13.05 33.38 -23.64
CA PHE B 185 -13.05 32.95 -25.04
C PHE B 185 -14.41 32.47 -25.57
N PHE B 186 -15.07 31.53 -24.87
CA PHE B 186 -16.32 30.96 -25.40
C PHE B 186 -17.42 31.99 -25.54
N ASP B 187 -17.45 32.98 -24.63
CA ASP B 187 -18.45 34.07 -24.70
C ASP B 187 -18.22 34.91 -25.98
N SER B 188 -16.94 35.22 -26.30
CA SER B 188 -16.55 35.95 -27.51
C SER B 188 -16.96 35.14 -28.74
N LEU B 189 -16.64 33.83 -28.73
CA LEU B 189 -17.02 32.93 -29.81
C LEU B 189 -18.55 32.98 -30.08
N VAL B 190 -19.38 32.84 -29.02
CA VAL B 190 -20.83 32.82 -29.18
C VAL B 190 -21.37 34.19 -29.68
N LYS B 191 -20.86 35.27 -29.13
CA LYS B 191 -21.29 36.63 -29.48
C LYS B 191 -20.97 37.01 -30.92
N GLN B 192 -19.79 36.63 -31.41
CA GLN B 192 -19.29 37.02 -32.73
C GLN B 192 -19.65 36.08 -33.89
N THR B 193 -20.24 34.90 -33.61
CA THR B 193 -20.56 33.92 -34.65
C THR B 193 -21.96 33.36 -34.44
N HIS B 194 -22.34 32.38 -35.29
CA HIS B 194 -23.61 31.68 -35.18
C HIS B 194 -23.43 30.34 -34.45
N VAL B 195 -22.26 30.15 -33.77
CA VAL B 195 -21.99 28.92 -33.01
C VAL B 195 -22.97 28.82 -31.81
N PRO B 196 -23.78 27.73 -31.72
CA PRO B 196 -24.68 27.57 -30.55
C PRO B 196 -23.92 27.61 -29.23
N ASN B 197 -24.56 28.13 -28.17
CA ASN B 197 -24.01 28.31 -26.83
C ASN B 197 -23.92 26.98 -26.05
N LEU B 198 -23.06 26.08 -26.55
CA LEU B 198 -22.88 24.73 -26.00
CA LEU B 198 -22.80 24.78 -25.93
C LEU B 198 -21.59 24.10 -26.52
N PHE B 199 -20.95 23.25 -25.70
CA PHE B 199 -19.81 22.47 -26.17
C PHE B 199 -19.90 21.15 -25.44
N SER B 200 -19.29 20.13 -25.99
CA SER B 200 -19.32 18.83 -25.34
C SER B 200 -17.94 18.22 -25.36
N LEU B 201 -17.61 17.44 -24.31
CA LEU B 201 -16.29 16.85 -24.15
C LEU B 201 -16.35 15.36 -23.96
N GLN B 202 -15.56 14.65 -24.76
CA GLN B 202 -15.40 13.20 -24.63
C GLN B 202 -13.90 13.05 -24.37
N LEU B 203 -13.50 12.91 -23.11
CA LEU B 203 -12.09 12.72 -22.78
C LEU B 203 -11.82 11.21 -22.71
N CYS B 204 -10.86 10.73 -23.49
CA CYS B 204 -10.57 9.31 -23.62
C CYS B 204 -9.26 8.87 -22.96
N GLY B 205 -9.38 8.31 -21.76
CA GLY B 205 -8.23 7.72 -21.07
C GLY B 205 -7.89 6.41 -21.75
N ALA B 206 -6.60 6.12 -21.96
CA ALA B 206 -6.19 4.88 -22.65
C ALA B 206 -6.36 3.63 -21.79
N GLY B 207 -6.23 3.79 -20.48
CA GLY B 207 -6.30 2.68 -19.52
C GLY B 207 -4.92 2.04 -19.33
N PHE B 208 -3.90 2.63 -19.97
CA PHE B 208 -2.51 2.19 -19.88
C PHE B 208 -1.61 3.41 -20.08
N PRO B 209 -0.31 3.37 -19.70
CA PRO B 209 0.51 4.58 -19.86
C PRO B 209 0.80 4.93 -21.31
N LEU B 210 1.00 6.24 -21.57
CA LEU B 210 1.38 6.78 -22.86
C LEU B 210 2.55 7.71 -22.62
N ASN B 211 3.64 7.56 -23.36
CA ASN B 211 4.78 8.47 -23.25
C ASN B 211 4.51 9.68 -24.16
N GLN B 212 5.40 10.72 -24.16
CA GLN B 212 5.25 11.92 -25.01
C GLN B 212 4.92 11.60 -26.47
N SER B 213 5.68 10.68 -27.11
CA SER B 213 5.50 10.24 -28.51
C SER B 213 4.17 9.52 -28.73
N GLU B 214 3.72 8.77 -27.70
CA GLU B 214 2.45 8.05 -27.75
C GLU B 214 1.27 8.99 -27.66
N VAL B 215 1.34 10.04 -26.80
CA VAL B 215 0.23 11.02 -26.74
C VAL B 215 0.18 11.80 -28.07
N LEU B 216 1.36 12.12 -28.66
CA LEU B 216 1.44 12.85 -29.93
C LEU B 216 0.75 12.11 -31.07
N ALA B 217 0.93 10.78 -31.15
CA ALA B 217 0.38 9.95 -32.22
C ALA B 217 -1.05 9.48 -31.96
N SER B 218 -1.51 9.55 -30.71
CA SER B 218 -2.83 9.07 -30.31
C SER B 218 -3.91 10.14 -30.20
N VAL B 219 -5.16 9.75 -30.46
CA VAL B 219 -6.35 10.56 -30.31
C VAL B 219 -6.71 10.49 -28.81
N GLY B 220 -6.83 11.65 -28.17
CA GLY B 220 -7.21 11.71 -26.77
C GLY B 220 -8.68 11.95 -26.53
N GLY B 221 -9.45 12.20 -27.58
CA GLY B 221 -10.87 12.48 -27.41
C GLY B 221 -11.41 13.57 -28.31
N SER B 222 -12.56 14.12 -27.93
CA SER B 222 -13.24 15.13 -28.74
C SER B 222 -13.84 16.27 -27.95
N MET B 223 -13.74 17.47 -28.55
CA MET B 223 -14.38 18.68 -28.05
CA MET B 223 -14.39 18.67 -28.06
C MET B 223 -15.29 19.14 -29.20
N ILE B 224 -16.59 18.93 -29.04
CA ILE B 224 -17.58 19.31 -30.05
C ILE B 224 -18.08 20.67 -29.67
N ILE B 225 -17.73 21.65 -30.51
CA ILE B 225 -18.09 23.06 -30.31
CA ILE B 225 -18.08 23.05 -30.31
C ILE B 225 -19.38 23.38 -31.04
N GLY B 226 -20.41 23.76 -30.27
CA GLY B 226 -21.73 24.11 -30.76
C GLY B 226 -22.68 22.93 -30.95
N GLY B 227 -22.37 21.78 -30.36
CA GLY B 227 -23.26 20.63 -30.51
C GLY B 227 -22.86 19.38 -29.77
N ILE B 228 -23.64 18.32 -30.04
CA ILE B 228 -23.55 16.98 -29.46
C ILE B 228 -23.36 16.00 -30.63
N ASP B 229 -22.33 15.16 -30.57
CA ASP B 229 -22.13 14.12 -31.57
C ASP B 229 -22.56 12.81 -30.94
N HIS B 230 -23.58 12.16 -31.56
CA HIS B 230 -24.19 10.90 -31.08
C HIS B 230 -23.27 9.69 -31.09
N SER B 231 -22.20 9.69 -31.88
CA SER B 231 -21.26 8.56 -31.96
C SER B 231 -20.36 8.46 -30.70
N LEU B 232 -20.31 9.52 -29.89
CA LEU B 232 -19.43 9.62 -28.72
C LEU B 232 -20.02 9.02 -27.44
N TYR B 233 -21.26 8.58 -27.49
CA TYR B 233 -21.91 8.02 -26.31
C TYR B 233 -22.89 6.92 -26.62
N THR B 234 -23.24 6.15 -25.57
CA THR B 234 -24.24 5.09 -25.64
C THR B 234 -25.28 5.44 -24.58
N GLY B 235 -26.49 4.92 -24.77
CA GLY B 235 -27.58 5.16 -23.83
C GLY B 235 -28.10 6.58 -23.85
N SER B 236 -28.76 6.99 -22.76
CA SER B 236 -29.38 8.31 -22.65
C SER B 236 -28.51 9.37 -22.00
N LEU B 237 -28.76 10.64 -22.36
CA LEU B 237 -28.09 11.79 -21.74
C LEU B 237 -28.95 12.26 -20.56
N TRP B 238 -28.38 12.33 -19.34
CA TRP B 238 -29.13 12.85 -18.20
C TRP B 238 -28.53 14.19 -17.85
N TYR B 239 -29.40 15.18 -17.56
CA TYR B 239 -28.95 16.52 -17.28
C TYR B 239 -29.06 16.95 -15.82
N THR B 240 -28.02 17.61 -15.35
CA THR B 240 -28.02 18.20 -14.02
C THR B 240 -28.00 19.73 -14.20
N PRO B 241 -28.75 20.53 -13.41
CA PRO B 241 -28.69 21.99 -13.61
C PRO B 241 -27.32 22.56 -13.22
N ILE B 242 -26.91 23.64 -13.91
CA ILE B 242 -25.71 24.38 -13.54
C ILE B 242 -26.27 25.28 -12.43
N ARG B 243 -25.82 25.08 -11.18
CA ARG B 243 -26.32 25.83 -10.02
C ARG B 243 -26.12 27.35 -10.16
N ARG B 244 -24.92 27.75 -10.58
CA ARG B 244 -24.51 29.13 -10.78
C ARG B 244 -23.48 29.16 -11.89
N GLU B 245 -23.52 30.19 -12.73
CA GLU B 245 -22.56 30.31 -13.81
C GLU B 245 -21.29 31.04 -13.36
N TRP B 246 -20.30 30.29 -12.85
CA TRP B 246 -18.99 30.83 -12.42
C TRP B 246 -18.00 29.76 -12.81
N TYR B 247 -17.90 28.70 -12.01
CA TYR B 247 -17.30 27.42 -12.38
C TYR B 247 -18.50 26.71 -13.00
N TYR B 248 -18.33 25.48 -13.51
CA TYR B 248 -19.50 24.71 -13.93
C TYR B 248 -19.94 23.98 -12.66
N GLU B 249 -20.69 24.69 -11.80
CA GLU B 249 -21.11 24.20 -10.49
C GLU B 249 -22.36 23.31 -10.55
N VAL B 250 -22.27 22.17 -9.87
CA VAL B 250 -23.33 21.18 -9.81
C VAL B 250 -23.62 20.78 -8.39
N ILE B 251 -24.69 20.00 -8.19
CA ILE B 251 -25.06 19.56 -6.84
CA ILE B 251 -25.09 19.55 -6.86
C ILE B 251 -25.13 18.03 -6.76
N ILE B 252 -24.29 17.46 -5.87
CA ILE B 252 -24.25 16.02 -5.60
C ILE B 252 -25.21 15.77 -4.42
N VAL B 253 -26.16 14.84 -4.56
CA VAL B 253 -27.20 14.60 -3.55
C VAL B 253 -27.02 13.30 -2.77
N ARG B 254 -26.19 12.38 -3.30
CA ARG B 254 -25.95 11.09 -2.67
C ARG B 254 -24.70 10.49 -3.29
N VAL B 255 -23.93 9.76 -2.44
CA VAL B 255 -22.71 9.06 -2.85
C VAL B 255 -22.81 7.62 -2.36
N GLU B 256 -22.50 6.67 -3.27
CA GLU B 256 -22.45 5.24 -2.95
C GLU B 256 -21.10 4.66 -3.35
N ILE B 257 -20.63 3.69 -2.56
CA ILE B 257 -19.43 2.90 -2.83
C ILE B 257 -19.97 1.45 -2.94
N ASN B 258 -19.99 0.87 -4.16
CA ASN B 258 -20.56 -0.47 -4.40
C ASN B 258 -21.99 -0.59 -3.84
N GLY B 259 -22.80 0.42 -4.14
CA GLY B 259 -24.18 0.44 -3.67
C GLY B 259 -24.39 0.86 -2.24
N GLN B 260 -23.32 0.93 -1.44
CA GLN B 260 -23.44 1.32 -0.03
C GLN B 260 -23.38 2.82 0.12
N ASP B 261 -24.48 3.39 0.66
CA ASP B 261 -24.60 4.82 0.89
C ASP B 261 -23.49 5.30 1.85
N LEU B 262 -22.75 6.36 1.44
CA LEU B 262 -21.73 6.98 2.31
C LEU B 262 -22.42 7.62 3.52
N LYS B 263 -23.74 7.91 3.37
CA LYS B 263 -24.68 8.36 4.41
C LYS B 263 -24.25 9.67 5.11
N MET B 264 -23.62 10.57 4.37
CA MET B 264 -23.26 11.88 4.93
C MET B 264 -24.36 12.85 4.57
N ASP B 265 -24.54 13.94 5.36
CA ASP B 265 -25.53 14.98 4.99
C ASP B 265 -25.06 15.49 3.61
N CYS B 266 -25.97 15.61 2.65
CA CYS B 266 -25.59 15.95 1.27
C CYS B 266 -24.88 17.32 1.12
N LYS B 267 -25.01 18.24 2.12
CA LYS B 267 -24.26 19.52 2.08
C LYS B 267 -22.76 19.26 2.10
N GLU B 268 -22.35 18.16 2.78
CA GLU B 268 -20.94 17.78 2.89
C GLU B 268 -20.32 17.52 1.53
N TYR B 269 -21.11 16.94 0.60
CA TYR B 269 -20.66 16.61 -0.76
C TYR B 269 -20.36 17.82 -1.60
N ASN B 270 -20.97 18.95 -1.25
CA ASN B 270 -20.84 20.20 -2.02
C ASN B 270 -20.24 21.31 -1.19
N TYR B 271 -19.40 20.96 -0.23
CA TYR B 271 -18.80 21.93 0.66
C TYR B 271 -17.37 22.26 0.20
N ASP B 272 -17.10 23.47 -0.33
CA ASP B 272 -18.02 24.62 -0.45
C ASP B 272 -18.73 24.73 -1.82
N LYS B 273 -18.45 23.79 -2.72
CA LYS B 273 -19.05 23.74 -4.05
C LYS B 273 -18.66 22.41 -4.69
N SER B 274 -19.31 22.03 -5.79
CA SER B 274 -18.95 20.86 -6.58
C SER B 274 -18.85 21.36 -8.01
N ILE B 275 -17.71 21.11 -8.66
CA ILE B 275 -17.51 21.60 -10.04
C ILE B 275 -17.11 20.47 -10.99
N VAL B 276 -17.36 20.66 -12.30
CA VAL B 276 -16.94 19.72 -13.35
C VAL B 276 -15.72 20.38 -13.97
N ASP B 277 -14.56 19.73 -13.86
CA ASP B 277 -13.31 20.35 -14.24
C ASP B 277 -12.36 19.48 -15.07
N SER B 278 -12.33 19.72 -16.38
CA SER B 278 -11.42 18.99 -17.27
C SER B 278 -9.93 19.30 -16.97
N GLY B 279 -9.65 20.44 -16.33
CA GLY B 279 -8.28 20.87 -16.01
C GLY B 279 -7.69 20.34 -14.72
N THR B 280 -8.43 19.46 -14.03
CA THR B 280 -7.94 18.81 -12.81
C THR B 280 -7.90 17.33 -13.08
N THR B 281 -6.83 16.66 -12.64
CA THR B 281 -6.71 15.22 -12.90
C THR B 281 -7.70 14.38 -12.11
N ASN B 282 -7.64 14.49 -10.77
CA ASN B 282 -8.39 13.62 -9.89
C ASN B 282 -9.84 13.95 -9.66
N LEU B 283 -10.55 12.98 -9.04
CA LEU B 283 -11.84 13.22 -8.42
C LEU B 283 -11.37 13.75 -7.05
N ARG B 284 -11.59 15.04 -6.77
CA ARG B 284 -11.19 15.63 -5.49
C ARG B 284 -12.43 15.79 -4.63
N LEU B 285 -12.36 15.37 -3.36
CA LEU B 285 -13.52 15.44 -2.48
C LEU B 285 -13.24 16.28 -1.26
N PRO B 286 -14.26 16.98 -0.69
CA PRO B 286 -14.02 17.72 0.57
C PRO B 286 -13.44 16.80 1.62
N LYS B 287 -12.47 17.30 2.41
CA LYS B 287 -11.72 16.52 3.40
C LYS B 287 -12.53 15.45 4.12
N LYS B 288 -13.67 15.82 4.74
CA LYS B 288 -14.51 14.88 5.49
CA LYS B 288 -14.48 14.84 5.49
C LYS B 288 -15.06 13.76 4.59
N VAL B 289 -15.51 14.13 3.39
CA VAL B 289 -16.06 13.21 2.39
C VAL B 289 -14.95 12.26 1.89
N PHE B 290 -13.74 12.79 1.66
CA PHE B 290 -12.60 12.01 1.23
C PHE B 290 -12.28 10.95 2.29
N GLU B 291 -12.18 11.36 3.57
CA GLU B 291 -11.88 10.41 4.64
C GLU B 291 -12.94 9.28 4.73
N ALA B 292 -14.23 9.60 4.58
CA ALA B 292 -15.30 8.58 4.60
C ALA B 292 -15.22 7.69 3.35
N ALA B 293 -15.02 8.29 2.16
CA ALA B 293 -14.95 7.53 0.90
C ALA B 293 -13.77 6.58 0.92
N VAL B 294 -12.58 7.06 1.31
CA VAL B 294 -11.41 6.22 1.32
C VAL B 294 -11.55 5.07 2.36
N LYS B 295 -12.20 5.32 3.52
CA LYS B 295 -12.44 4.25 4.51
C LYS B 295 -13.31 3.16 3.88
N SER B 296 -14.37 3.57 3.16
CA SER B 296 -15.27 2.63 2.49
C SER B 296 -14.56 1.90 1.34
N ILE B 297 -13.76 2.61 0.54
CA ILE B 297 -13.01 2.01 -0.59
C ILE B 297 -11.98 0.98 -0.05
N LYS B 298 -11.31 1.30 1.05
CA LYS B 298 -10.36 0.41 1.73
C LYS B 298 -11.12 -0.86 2.17
N ALA B 299 -12.29 -0.69 2.81
CA ALA B 299 -13.10 -1.82 3.29
C ALA B 299 -13.55 -2.74 2.15
N ALA B 300 -13.97 -2.13 1.02
CA ALA B 300 -14.46 -2.88 -0.14
C ALA B 300 -13.33 -3.65 -0.84
N SER B 301 -12.11 -3.10 -0.84
CA SER B 301 -10.91 -3.71 -1.47
C SER B 301 -10.01 -4.47 -0.46
N SER B 302 -10.54 -4.77 0.73
CA SER B 302 -9.73 -5.29 1.84
C SER B 302 -9.08 -6.68 1.63
N THR B 303 -9.34 -7.40 0.51
CA THR B 303 -8.66 -8.66 0.23
C THR B 303 -7.18 -8.41 -0.15
N GLU B 304 -6.82 -7.13 -0.42
CA GLU B 304 -5.44 -6.70 -0.68
C GLU B 304 -5.19 -5.46 0.17
N LYS B 305 -4.03 -5.44 0.83
CA LYS B 305 -3.63 -4.32 1.69
C LYS B 305 -2.71 -3.40 0.90
N PHE B 306 -3.04 -2.10 0.88
CA PHE B 306 -2.25 -1.13 0.14
C PHE B 306 -1.58 -0.17 1.11
N PRO B 307 -0.35 0.31 0.81
CA PRO B 307 0.29 1.25 1.74
C PRO B 307 -0.43 2.58 1.79
N ASP B 308 -0.25 3.33 2.89
CA ASP B 308 -0.82 4.65 3.08
C ASP B 308 -0.49 5.58 1.92
N GLY B 309 0.73 5.48 1.38
CA GLY B 309 1.20 6.28 0.26
C GLY B 309 0.30 6.17 -0.96
N PHE B 310 -0.24 4.96 -1.21
CA PHE B 310 -1.13 4.73 -2.35
C PHE B 310 -2.44 5.48 -2.12
N TRP B 311 -3.04 5.34 -0.92
CA TRP B 311 -4.32 5.99 -0.57
C TRP B 311 -4.22 7.50 -0.55
N LEU B 312 -3.00 8.01 -0.32
CA LEU B 312 -2.68 9.43 -0.32
C LEU B 312 -2.44 9.96 -1.74
N GLY B 313 -2.50 9.08 -2.75
CA GLY B 313 -2.31 9.47 -4.14
C GLY B 313 -0.88 9.77 -4.55
N GLU B 314 0.08 9.45 -3.68
CA GLU B 314 1.51 9.73 -3.89
C GLU B 314 2.27 8.58 -4.52
N GLN B 315 1.94 7.35 -4.10
CA GLN B 315 2.64 6.14 -4.46
C GLN B 315 1.89 5.28 -5.46
N LEU B 316 2.62 4.75 -6.44
CA LEU B 316 2.04 3.84 -7.43
C LEU B 316 2.02 2.44 -6.86
N VAL B 317 1.10 1.60 -7.37
CA VAL B 317 1.05 0.17 -7.05
C VAL B 317 1.09 -0.54 -8.39
N CYS B 318 1.76 -1.68 -8.44
CA CYS B 318 1.92 -2.44 -9.67
C CYS B 318 1.46 -3.86 -9.49
N TRP B 319 0.96 -4.44 -10.58
CA TRP B 319 0.59 -5.85 -10.65
C TRP B 319 1.24 -6.43 -11.89
N GLN B 320 1.46 -7.75 -11.88
CA GLN B 320 2.01 -8.46 -13.04
C GLN B 320 1.10 -8.17 -14.25
N ALA B 321 1.70 -8.02 -15.44
CA ALA B 321 1.03 -7.73 -16.71
C ALA B 321 -0.32 -8.44 -16.84
N GLY B 322 -1.38 -7.65 -17.00
CA GLY B 322 -2.74 -8.15 -17.19
C GLY B 322 -3.49 -8.64 -15.96
N THR B 323 -2.85 -8.62 -14.77
CA THR B 323 -3.49 -9.18 -13.58
C THR B 323 -4.12 -8.15 -12.64
N THR B 324 -4.27 -6.88 -13.07
CA THR B 324 -4.90 -5.86 -12.19
C THR B 324 -6.23 -6.43 -11.67
N PRO B 325 -6.42 -6.52 -10.34
CA PRO B 325 -7.64 -7.13 -9.81
C PRO B 325 -8.75 -6.10 -9.72
N TRP B 326 -9.20 -5.61 -10.88
CA TRP B 326 -10.29 -4.64 -10.97
C TRP B 326 -11.48 -5.01 -10.07
N ASN B 327 -11.87 -6.30 -10.06
CA ASN B 327 -13.04 -6.82 -9.34
C ASN B 327 -13.00 -6.59 -7.83
N ILE B 328 -11.81 -6.48 -7.24
CA ILE B 328 -11.70 -6.24 -5.79
C ILE B 328 -12.01 -4.78 -5.44
N PHE B 329 -11.87 -3.86 -6.41
CA PHE B 329 -12.17 -2.46 -6.17
C PHE B 329 -13.64 -2.16 -6.45
N PRO B 330 -14.24 -1.26 -5.65
CA PRO B 330 -15.66 -0.97 -5.84
C PRO B 330 -15.99 0.02 -6.94
N VAL B 331 -17.25 0.01 -7.38
CA VAL B 331 -17.73 1.06 -8.28
C VAL B 331 -18.07 2.28 -7.37
N ILE B 332 -18.11 3.48 -7.95
CA ILE B 332 -18.44 4.70 -7.21
C ILE B 332 -19.60 5.37 -7.93
N SER B 333 -20.68 5.67 -7.19
CA SER B 333 -21.84 6.33 -7.78
C SER B 333 -22.03 7.71 -7.17
N LEU B 334 -22.13 8.72 -8.03
CA LEU B 334 -22.43 10.09 -7.60
C LEU B 334 -23.82 10.39 -8.13
N TYR B 335 -24.75 10.70 -7.22
CA TYR B 335 -26.12 11.06 -7.58
C TYR B 335 -26.13 12.57 -7.77
N LEU B 336 -26.67 13.03 -8.89
CA LEU B 336 -26.73 14.44 -9.22
C LEU B 336 -28.17 14.91 -9.28
N MET B 337 -28.40 16.17 -8.91
CA MET B 337 -29.73 16.76 -8.96
C MET B 337 -30.23 16.72 -10.40
N GLY B 338 -31.47 16.31 -10.59
CA GLY B 338 -32.05 16.25 -11.93
C GLY B 338 -32.68 17.59 -12.29
N GLU B 339 -33.21 17.69 -13.51
CA GLU B 339 -33.88 18.93 -13.92
C GLU B 339 -35.31 18.96 -13.43
N VAL B 340 -35.92 17.77 -13.29
CA VAL B 340 -37.28 17.56 -12.81
C VAL B 340 -37.28 17.67 -11.29
N THR B 341 -38.32 18.30 -10.74
CA THR B 341 -38.45 18.48 -9.29
C THR B 341 -38.50 17.10 -8.63
N ASN B 342 -37.71 16.95 -7.56
CA ASN B 342 -37.61 15.74 -6.73
C ASN B 342 -37.09 14.51 -7.48
N GLN B 343 -36.32 14.74 -8.57
CA GLN B 343 -35.72 13.66 -9.34
C GLN B 343 -34.22 13.82 -9.40
N SER B 344 -33.48 12.72 -9.24
CA SER B 344 -32.03 12.71 -9.41
C SER B 344 -31.66 11.57 -10.35
N PHE B 345 -30.39 11.52 -10.76
CA PHE B 345 -29.88 10.42 -11.56
C PHE B 345 -28.50 10.13 -11.01
N ARG B 346 -27.89 9.03 -11.42
CA ARG B 346 -26.56 8.71 -10.90
C ARG B 346 -25.58 8.43 -12.03
N ILE B 347 -24.33 8.75 -11.79
CA ILE B 347 -23.25 8.40 -12.72
C ILE B 347 -22.38 7.42 -11.92
N THR B 348 -21.97 6.32 -12.56
CA THR B 348 -21.19 5.31 -11.88
C THR B 348 -19.86 5.10 -12.59
N ILE B 349 -18.76 5.21 -11.84
CA ILE B 349 -17.43 4.99 -12.39
C ILE B 349 -16.84 3.73 -11.82
N LEU B 350 -15.86 3.21 -12.52
CA LEU B 350 -15.17 1.98 -12.18
C LEU B 350 -13.77 2.29 -11.64
N PRO B 351 -13.07 1.31 -11.05
CA PRO B 351 -11.64 1.53 -10.73
C PRO B 351 -10.84 1.81 -12.03
N GLN B 352 -11.34 1.39 -13.22
CA GLN B 352 -10.66 1.71 -14.50
C GLN B 352 -10.63 3.24 -14.73
N GLN B 353 -11.54 4.00 -14.06
CA GLN B 353 -11.54 5.46 -14.10
C GLN B 353 -10.70 6.04 -12.97
N TYR B 354 -10.91 5.58 -11.71
CA TYR B 354 -10.24 6.22 -10.58
C TYR B 354 -8.85 5.67 -10.24
N LEU B 355 -8.37 4.65 -10.97
CA LEU B 355 -6.99 4.19 -10.82
C LEU B 355 -6.31 4.67 -12.10
N ARG B 356 -5.44 5.67 -11.95
CA ARG B 356 -4.79 6.33 -13.09
C ARG B 356 -3.54 5.57 -13.54
N PRO B 357 -3.51 5.11 -14.80
CA PRO B 357 -2.33 4.40 -15.30
C PRO B 357 -1.07 5.27 -15.26
N VAL B 358 0.03 4.72 -14.72
CA VAL B 358 1.32 5.41 -14.64
C VAL B 358 2.42 4.44 -15.06
N GLU B 359 3.52 4.96 -15.59
CA GLU B 359 4.64 4.07 -15.93
C GLU B 359 5.40 3.71 -14.65
N ASP B 360 5.96 2.49 -14.59
CA ASP B 360 6.71 1.98 -13.44
C ASP B 360 7.95 2.84 -13.22
N VAL B 361 8.34 3.02 -11.95
CA VAL B 361 9.52 3.80 -11.56
C VAL B 361 10.82 3.10 -11.99
N ALA B 362 10.71 1.78 -12.26
CA ALA B 362 11.78 0.90 -12.77
C ALA B 362 11.42 0.52 -14.23
N THR B 363 11.99 -0.57 -14.75
CA THR B 363 11.73 -1.05 -16.11
C THR B 363 11.03 -2.42 -16.04
N SER B 364 9.73 -2.47 -16.37
CA SER B 364 8.94 -3.69 -16.31
C SER B 364 7.74 -3.71 -17.28
N GLN B 365 7.08 -4.87 -17.38
CA GLN B 365 5.85 -5.06 -18.15
C GLN B 365 4.66 -5.03 -17.17
N ASP B 366 4.92 -4.62 -15.91
CA ASP B 366 3.85 -4.54 -14.91
C ASP B 366 2.86 -3.43 -15.29
N ASP B 367 1.61 -3.58 -14.85
CA ASP B 367 0.56 -2.59 -15.02
C ASP B 367 0.49 -1.83 -13.71
N CYS B 368 0.85 -0.54 -13.74
CA CYS B 368 0.92 0.31 -12.55
C CYS B 368 -0.09 1.44 -12.58
N TYR B 369 -0.51 1.88 -11.38
CA TYR B 369 -1.51 2.93 -11.22
C TYR B 369 -1.32 3.71 -9.96
N LYS B 370 -1.90 4.91 -9.93
CA LYS B 370 -2.01 5.75 -8.77
C LYS B 370 -3.50 5.91 -8.48
N PHE B 371 -3.84 6.02 -7.20
CA PHE B 371 -5.20 6.26 -6.74
C PHE B 371 -5.52 7.73 -7.07
N ALA B 372 -6.45 7.95 -8.02
CA ALA B 372 -6.80 9.28 -8.52
C ALA B 372 -8.04 9.91 -7.81
N ILE B 373 -8.16 9.63 -6.51
CA ILE B 373 -9.15 10.28 -5.66
C ILE B 373 -8.34 10.95 -4.57
N SER B 374 -8.58 12.24 -4.33
CA SER B 374 -7.80 12.97 -3.33
C SER B 374 -8.63 14.00 -2.57
N GLN B 375 -8.09 14.45 -1.43
CA GLN B 375 -8.67 15.45 -0.53
C GLN B 375 -8.69 16.82 -1.22
N SER B 376 -9.67 17.63 -0.85
CA SER B 376 -9.82 19.00 -1.31
C SER B 376 -10.24 19.88 -0.13
N SER B 377 -9.76 21.13 -0.13
CA SER B 377 -10.18 22.14 0.85
C SER B 377 -11.01 23.20 0.11
N THR B 378 -11.30 22.95 -1.19
CA THR B 378 -12.07 23.90 -2.03
C THR B 378 -13.28 23.24 -2.71
N GLY B 379 -13.83 22.21 -2.08
CA GLY B 379 -15.02 21.53 -2.60
C GLY B 379 -14.72 20.36 -3.52
N THR B 380 -15.79 19.72 -4.01
CA THR B 380 -15.63 18.58 -4.91
C THR B 380 -15.13 19.04 -6.25
N VAL B 381 -14.19 18.29 -6.84
CA VAL B 381 -13.69 18.58 -8.17
C VAL B 381 -13.90 17.32 -8.97
N MET B 382 -14.85 17.36 -9.93
CA MET B 382 -15.09 16.21 -10.81
C MET B 382 -14.11 16.36 -11.97
N GLY B 383 -12.90 15.86 -11.74
CA GLY B 383 -11.79 15.96 -12.67
C GLY B 383 -11.83 15.02 -13.84
N ALA B 384 -10.75 15.04 -14.62
CA ALA B 384 -10.60 14.26 -15.84
C ALA B 384 -10.78 12.77 -15.64
N VAL B 385 -10.33 12.20 -14.50
CA VAL B 385 -10.46 10.75 -14.30
C VAL B 385 -11.94 10.34 -14.22
N ILE B 386 -12.84 11.22 -13.72
CA ILE B 386 -14.28 10.93 -13.70
C ILE B 386 -14.91 11.32 -15.07
N MET B 387 -14.45 12.44 -15.69
CA MET B 387 -14.96 12.82 -17.02
C MET B 387 -14.66 11.76 -18.08
N GLU B 388 -13.57 11.00 -17.91
CA GLU B 388 -13.18 9.92 -18.82
C GLU B 388 -14.22 8.79 -18.89
N GLY B 389 -15.08 8.68 -17.90
CA GLY B 389 -16.13 7.67 -17.95
C GLY B 389 -17.30 8.09 -18.82
N PHE B 390 -17.39 9.41 -19.12
CA PHE B 390 -18.59 9.98 -19.72
C PHE B 390 -18.40 10.96 -20.86
N TYR B 391 -19.46 11.12 -21.63
CA TYR B 391 -19.60 12.17 -22.63
C TYR B 391 -20.27 13.28 -21.86
N VAL B 392 -19.56 14.40 -21.71
CA VAL B 392 -20.06 15.51 -20.87
C VAL B 392 -20.48 16.71 -21.71
N VAL B 393 -21.77 17.06 -21.62
CA VAL B 393 -22.36 18.15 -22.41
C VAL B 393 -22.49 19.42 -21.57
N PHE B 394 -21.73 20.46 -21.92
CA PHE B 394 -21.80 21.74 -21.23
C PHE B 394 -22.80 22.60 -21.96
N ASP B 395 -24.09 22.39 -21.64
CA ASP B 395 -25.18 23.11 -22.29
C ASP B 395 -25.37 24.46 -21.59
N ARG B 396 -24.58 25.45 -22.01
CA ARG B 396 -24.61 26.78 -21.44
C ARG B 396 -25.97 27.47 -21.70
N ALA B 397 -26.53 27.26 -22.91
CA ALA B 397 -27.82 27.81 -23.36
C ALA B 397 -29.00 27.47 -22.42
N ARG B 398 -29.02 26.23 -21.92
CA ARG B 398 -30.06 25.76 -21.02
C ARG B 398 -29.54 25.59 -19.59
N LYS B 399 -28.36 26.21 -19.26
CA LYS B 399 -27.75 26.21 -17.91
C LYS B 399 -27.81 24.78 -17.28
N ARG B 400 -27.30 23.80 -18.03
CA ARG B 400 -27.32 22.40 -17.56
C ARG B 400 -26.11 21.62 -18.08
N ILE B 401 -25.75 20.56 -17.36
CA ILE B 401 -24.64 19.68 -17.72
CA ILE B 401 -24.66 19.69 -17.76
C ILE B 401 -25.18 18.28 -17.97
N GLY B 402 -24.96 17.74 -19.17
CA GLY B 402 -25.42 16.41 -19.53
C GLY B 402 -24.35 15.38 -19.35
N PHE B 403 -24.76 14.16 -18.92
CA PHE B 403 -23.86 13.02 -18.77
C PHE B 403 -24.44 11.81 -19.44
N ALA B 404 -23.62 11.12 -20.22
CA ALA B 404 -23.96 9.84 -20.85
C ALA B 404 -22.72 8.97 -20.82
N VAL B 405 -22.92 7.65 -20.86
CA VAL B 405 -21.80 6.71 -20.85
C VAL B 405 -20.91 6.96 -22.07
N SER B 406 -19.59 7.15 -21.85
CA SER B 406 -18.69 7.40 -22.98
C SER B 406 -18.45 6.17 -23.82
N ALA B 407 -18.42 6.35 -25.16
CA ALA B 407 -18.09 5.28 -26.11
C ALA B 407 -16.59 4.92 -26.03
N CYS B 408 -15.79 5.74 -25.32
CA CYS B 408 -14.37 5.45 -25.14
C CYS B 408 -13.99 5.17 -23.68
N HIS B 409 -14.96 4.95 -22.76
CA HIS B 409 -14.57 4.67 -21.36
C HIS B 409 -13.93 3.28 -21.26
N VAL B 410 -12.97 3.15 -20.34
CA VAL B 410 -12.28 1.89 -20.11
C VAL B 410 -13.12 1.04 -19.14
N HIS B 411 -13.29 -0.24 -19.48
CA HIS B 411 -14.04 -1.14 -18.61
C HIS B 411 -13.52 -2.56 -18.80
N ASP B 412 -14.20 -3.56 -18.24
CA ASP B 412 -13.83 -4.96 -18.40
C ASP B 412 -15.11 -5.69 -18.89
N GLU B 413 -15.05 -7.02 -19.01
CA GLU B 413 -16.20 -7.79 -19.48
CA GLU B 413 -16.18 -7.83 -19.47
C GLU B 413 -17.33 -7.93 -18.43
N PHE B 414 -17.07 -7.56 -17.16
CA PHE B 414 -18.08 -7.72 -16.12
C PHE B 414 -18.86 -6.48 -15.72
N ARG B 415 -18.25 -5.30 -15.86
CA ARG B 415 -18.86 -4.05 -15.43
C ARG B 415 -18.56 -2.94 -16.41
N THR B 416 -19.45 -1.96 -16.48
CA THR B 416 -19.22 -0.77 -17.30
C THR B 416 -19.61 0.43 -16.46
N ALA B 417 -19.19 1.63 -16.91
CA ALA B 417 -19.64 2.88 -16.33
C ALA B 417 -21.13 2.98 -16.66
N ALA B 418 -21.88 3.76 -15.88
CA ALA B 418 -23.33 3.87 -16.05
C ALA B 418 -23.82 5.28 -15.81
N VAL B 419 -24.96 5.62 -16.44
CA VAL B 419 -25.73 6.86 -16.21
C VAL B 419 -27.15 6.35 -16.12
N GLU B 420 -27.76 6.43 -14.94
CA GLU B 420 -29.08 5.82 -14.73
C GLU B 420 -29.99 6.72 -13.95
N GLY B 421 -31.28 6.54 -14.16
CA GLY B 421 -32.29 7.28 -13.42
C GLY B 421 -33.68 6.94 -13.89
N PRO B 422 -34.71 7.63 -13.36
CA PRO B 422 -34.65 8.64 -12.29
C PRO B 422 -34.77 8.02 -10.89
N PHE B 423 -34.36 8.78 -9.87
CA PHE B 423 -34.52 8.39 -8.47
C PHE B 423 -35.32 9.48 -7.81
N VAL B 424 -36.27 9.14 -6.95
CA VAL B 424 -37.04 10.16 -6.24
C VAL B 424 -36.15 10.61 -5.07
N THR B 425 -35.65 11.87 -5.14
CA THR B 425 -34.77 12.45 -4.13
C THR B 425 -35.36 13.77 -3.62
N LEU B 426 -35.60 13.86 -2.31
CA LEU B 426 -36.20 15.05 -1.72
C LEU B 426 -35.20 16.07 -1.22
N ASP B 427 -35.65 17.34 -1.14
CA ASP B 427 -34.92 18.51 -0.65
C ASP B 427 -33.48 18.62 -1.20
N MET B 428 -33.34 18.43 -2.51
CA MET B 428 -32.04 18.47 -3.20
C MET B 428 -31.40 19.87 -3.18
N GLU B 429 -32.21 20.94 -3.16
CA GLU B 429 -31.68 22.31 -3.08
C GLU B 429 -30.91 22.53 -1.76
N ASP B 430 -31.32 21.82 -0.67
CA ASP B 430 -30.68 21.84 0.65
C ASP B 430 -29.26 21.27 0.61
N CYS B 431 -28.89 20.58 -0.47
CA CYS B 431 -27.56 20.00 -0.61
C CYS B 431 -26.55 21.06 -1.04
N GLY B 432 -27.06 22.17 -1.56
CA GLY B 432 -26.25 23.31 -1.98
C GLY B 432 -25.69 24.04 -0.78
N TYR B 433 -24.41 24.40 -0.84
CA TYR B 433 -23.77 25.14 0.23
C TYR B 433 -23.88 26.64 -0.02
N ASN B 434 -24.14 27.42 1.04
CA ASN B 434 -24.26 28.87 0.93
C ASN B 434 -23.10 29.61 1.60
C6 DK7 C . 8.90 -23.80 24.85
C1 DK7 C . 10.16 -25.03 23.23
C5 DK7 C . 9.04 -24.83 25.77
C3 DK7 C . 9.75 -25.95 25.40
C2 DK7 C . 10.28 -26.06 24.14
F4 DK7 C . 9.92 -26.97 26.26
F7 DK7 C . 8.23 -22.69 25.22
C8 DK7 C . 9.46 -23.89 23.60
C9 DK7 C . 10.77 -25.15 21.86
C10 DK7 C . 12.30 -25.23 21.95
C12 DK7 C . 13.02 -25.31 20.60
O14 DK7 C . 12.53 -26.43 19.86
C15 DK7 C . 14.54 -25.46 20.74
N17 DK7 C . 15.14 -25.52 19.39
C18 DK7 C . 16.59 -25.77 19.45
C19 DK7 C . 16.86 -27.06 20.21
O21 DK7 C . 16.25 -28.12 19.50
C22 DK7 C . 16.63 -29.38 20.06
C23 DK7 C . 15.86 -30.47 19.33
C24 DK7 C . 16.46 -31.83 19.65
C25 DK7 C . 15.65 -32.94 18.97
C26 DK7 C . 14.16 -32.86 19.31
C27 DK7 C . 13.58 -31.47 19.00
C28 DK7 C . 14.39 -30.39 19.68
O29 DK7 C . 16.34 -26.90 21.54
C30 DK7 C . 14.91 -26.72 21.51
N31 DK7 C . 12.82 -24.18 22.78
C32 DK7 C . 13.40 -24.40 24.00
C33 DK7 C . 13.68 -23.15 24.76
O34 DK7 C . 13.67 -25.49 24.49
C1 GOL D . 8.66 2.15 25.39
O1 GOL D . 9.77 2.81 24.80
C2 GOL D . 8.58 2.48 26.87
O2 GOL D . 7.82 1.46 27.52
C3 GOL D . 7.95 3.83 27.09
O3 GOL D . 7.90 4.12 28.48
C1 GOL E . 1.30 -38.62 7.37
O1 GOL E . 1.65 -37.70 8.40
C2 GOL E . -0.17 -38.49 7.03
O2 GOL E . -0.41 -39.17 5.79
C3 GOL E . -1.01 -39.09 8.13
O3 GOL E . -2.09 -39.85 7.61
C6 DK7 F . -2.55 22.53 -15.36
C1 DK7 F . -4.38 23.90 -14.65
C5 DK7 F . -1.65 23.36 -14.72
C3 DK7 F . -2.13 24.45 -14.03
C2 DK7 F . -3.48 24.74 -14.00
F4 DK7 F . -1.28 25.25 -13.38
F7 DK7 F . -2.11 21.45 -16.02
C8 DK7 F . -3.91 22.79 -15.31
C9 DK7 F . -5.86 24.16 -14.60
C10 DK7 F . -6.38 24.05 -13.18
C12 DK7 F . -7.89 24.26 -13.05
O14 DK7 F . -8.29 25.53 -13.57
C15 DK7 F . -8.39 24.16 -11.61
N17 DK7 F . -9.85 24.42 -11.57
C18 DK7 F . -10.37 24.50 -10.19
C19 DK7 F . -9.60 25.57 -9.43
O21 DK7 F . -9.87 26.82 -10.07
C22 DK7 F . -9.33 27.90 -9.28
C23 DK7 F . -9.63 29.19 -10.02
C24 DK7 F . -9.47 30.39 -9.09
C25 DK7 F . -9.74 31.68 -9.86
C26 DK7 F . -8.85 31.78 -11.10
C27 DK7 F . -9.00 30.56 -12.01
C28 DK7 F . -8.73 29.29 -11.24
O29 DK7 F . -8.21 25.21 -9.42
C30 DK7 F . -7.67 25.19 -10.74
N31 DK7 F . -6.00 22.80 -12.57
C32 DK7 F . -5.09 22.75 -11.56
C33 DK7 F . -4.68 21.36 -11.20
O34 DK7 F . -4.61 23.71 -10.98
C1 GOL G . -5.01 -2.93 -19.73
O1 GOL G . -6.07 -3.65 -19.15
C2 GOL G . -3.67 -3.51 -19.32
O2 GOL G . -2.66 -2.56 -19.60
C3 GOL G . -3.40 -4.80 -20.08
O3 GOL G . -2.09 -5.30 -19.78
#